data_4C6Z
#
_entry.id   4C6Z
#
_cell.length_a   74.700
_cell.length_b   89.340
_cell.length_c   183.480
_cell.angle_alpha   90.00
_cell.angle_beta   90.00
_cell.angle_gamma   90.00
#
_symmetry.space_group_name_H-M   'P 21 21 21'
#
loop_
_entity.id
_entity.type
_entity.pdbx_description
1 polymer '3-OXOACYL-[ACYL-CARRIER-PROTEIN] SYNTHASE 1'
2 non-polymer 1,2-ETHANEDIOL
3 non-polymer 'POTASSIUM ION'
4 non-polymer (5R)-3-ethyl-4-hydroxy-5-methyl-5-[(1E)-2-methylbuta-1,3-dien-1-yl]thiophen-2(5H)-one
5 non-polymer '(2R)-2-(hexadecanoyloxy)-3-{[(10R)-10-methyloctadecanoyl]oxy}propyl phosphate'
6 water water
#
_entity_poly.entity_id   1
_entity_poly.type   'polypeptide(L)'
_entity_poly.pdbx_seq_one_letter_code
;MGSSHHHHHHSSGLVPRGSHMASMSQPSTANGGFPSVVVTAVTATTSISPDIESTWKGLLAGESGIHALEDEFVTKWDLA
VKIGGHLKDPVDSHMGRLDMRRMSYVQRMGKLLGGQLWESAGSPEVDPDRFAVVVGTGLGGAERIVESYDLMNAGGPRKV
SPLAVQMIMPNGAAAVIGLQLGARAGVMTPVSAQSSGSEAIAHAWRQIVMGDADVAVCGGVEGPIEALPIAAFSMMRAMS
TRNDEPERASRPFDKDRDGFVFGEAGALMLIETEEHAKARGAKPLARLLGAGITSDAFHMVAPAADGVRAGRAMTRSLEL
AGLSPADIDHVNAHGTATPIGDAAEANAIRVAGCDQAAVYAPKSALGHSIGAVGALESVLTVLTLRDGVIPPTLNYETPD
PEIDLDVVAGEPRYGDYRYAVNNSFGFGGHNVALAFGRY
;
_entity_poly.pdbx_strand_id   A,B
#
# COMPACT_ATOMS: atom_id res chain seq x y z
N GLN A 26 -14.00 6.77 -24.98
CA GLN A 26 -13.31 6.55 -23.67
C GLN A 26 -13.11 7.84 -22.89
N PRO A 27 -13.40 7.82 -21.59
CA PRO A 27 -13.33 9.06 -20.81
C PRO A 27 -11.91 9.66 -20.69
N SER A 28 -11.82 10.99 -20.75
CA SER A 28 -10.62 11.69 -20.32
C SER A 28 -11.01 12.94 -19.55
N THR A 29 -10.07 13.59 -18.89
CA THR A 29 -10.35 14.90 -18.33
C THR A 29 -10.79 15.92 -19.39
N ALA A 30 -10.04 16.02 -20.48
CA ALA A 30 -10.30 17.03 -21.52
C ALA A 30 -11.71 16.85 -22.08
N ASN A 31 -12.17 15.61 -22.22
CA ASN A 31 -13.47 15.37 -22.87
C ASN A 31 -14.64 15.26 -21.89
N GLY A 32 -14.33 15.44 -20.60
CA GLY A 32 -15.35 15.67 -19.59
C GLY A 32 -15.86 14.34 -19.10
N GLY A 33 -15.22 13.25 -19.55
CA GLY A 33 -15.54 11.92 -19.07
C GLY A 33 -15.12 11.74 -17.61
N PHE A 34 -14.11 12.49 -17.14
CA PHE A 34 -13.76 12.52 -15.72
C PHE A 34 -14.04 13.90 -15.17
N PRO A 35 -14.46 14.04 -13.90
CA PRO A 35 -14.58 15.43 -13.38
C PRO A 35 -13.23 16.13 -13.30
N SER A 36 -13.28 17.45 -13.39
CA SER A 36 -12.10 18.29 -13.18
C SER A 36 -11.58 18.27 -11.73
N VAL A 37 -10.27 18.04 -11.52
CA VAL A 37 -9.71 17.90 -10.16
C VAL A 37 -8.60 18.93 -10.11
N VAL A 38 -8.55 19.71 -9.04
CA VAL A 38 -7.57 20.77 -8.91
C VAL A 38 -6.76 20.58 -7.61
N VAL A 39 -5.53 21.08 -7.60
CA VAL A 39 -4.66 21.14 -6.43
C VAL A 39 -4.90 22.48 -5.74
N THR A 40 -5.25 22.50 -4.46
CA THR A 40 -5.68 23.74 -3.83
C THR A 40 -4.80 24.09 -2.64
N ALA A 41 -3.85 23.23 -2.30
CA ALA A 41 -2.85 23.59 -1.23
C ALA A 41 -1.71 22.60 -1.26
N VAL A 42 -0.53 23.02 -0.80
CA VAL A 42 0.63 22.14 -0.79
C VAL A 42 1.38 22.45 0.49
N THR A 43 2.06 21.44 1.04
CA THR A 43 2.99 21.67 2.15
CA THR A 43 2.97 21.65 2.16
C THR A 43 4.14 20.69 1.98
N ALA A 44 5.33 21.12 2.36
CA ALA A 44 6.48 20.23 2.35
C ALA A 44 7.54 20.67 3.36
N THR A 45 8.22 19.69 3.91
CA THR A 45 9.43 19.97 4.65
C THR A 45 10.62 19.37 3.92
N THR A 46 11.73 20.11 3.83
CA THR A 46 12.87 19.65 3.03
C THR A 46 14.20 19.99 3.69
N SER A 47 15.29 19.59 3.02
CA SER A 47 16.62 19.97 3.50
C SER A 47 16.92 21.46 3.35
N ILE A 48 16.13 22.16 2.53
CA ILE A 48 16.34 23.60 2.32
C ILE A 48 15.54 24.44 3.32
N SER A 49 14.32 24.00 3.62
CA SER A 49 13.42 24.83 4.46
C SER A 49 12.25 23.99 4.93
N PRO A 50 11.67 24.34 6.09
CA PRO A 50 10.33 23.79 6.40
C PRO A 50 9.18 24.43 5.59
N ASP A 51 9.38 25.57 4.92
CA ASP A 51 8.34 26.30 4.17
CA ASP A 51 8.28 26.16 4.19
C ASP A 51 8.52 26.00 2.71
N ILE A 52 7.52 25.40 2.07
CA ILE A 52 7.62 25.02 0.65
C ILE A 52 7.92 26.25 -0.22
N GLU A 53 7.39 27.42 0.13
CA GLU A 53 7.62 28.62 -0.72
C GLU A 53 9.07 29.10 -0.60
N SER A 54 9.68 28.99 0.59
CA SER A 54 11.13 29.19 0.71
C SER A 54 12.00 28.10 0.06
N THR A 55 11.60 26.84 0.17
CA THR A 55 12.31 25.79 -0.56
C THR A 55 12.31 26.14 -2.06
N TRP A 56 11.18 26.68 -2.51
CA TRP A 56 11.05 26.93 -3.94
C TRP A 56 11.90 28.12 -4.36
N LYS A 57 11.91 29.21 -3.62
CA LYS A 57 12.82 30.31 -3.95
C LYS A 57 14.28 29.84 -3.88
N GLY A 58 14.61 29.03 -2.88
CA GLY A 58 15.98 28.48 -2.75
C GLY A 58 16.41 27.70 -4.00
N LEU A 59 15.52 26.85 -4.50
CA LEU A 59 15.81 26.01 -5.67
C LEU A 59 16.08 26.90 -6.88
N LEU A 60 15.21 27.89 -7.07
CA LEU A 60 15.38 28.87 -8.15
C LEU A 60 16.69 29.65 -8.11
N ALA A 61 17.18 29.94 -6.91
CA ALA A 61 18.45 30.65 -6.73
C ALA A 61 19.64 29.70 -6.72
N GLY A 62 19.37 28.42 -7.01
CA GLY A 62 20.44 27.43 -7.14
C GLY A 62 20.94 26.84 -5.83
N GLU A 63 20.11 26.91 -4.78
CA GLU A 63 20.52 26.38 -3.47
C GLU A 63 20.44 24.85 -3.41
N SER A 64 21.39 24.25 -2.70
CA SER A 64 21.41 22.81 -2.44
C SER A 64 21.13 22.57 -0.95
N GLY A 65 20.38 21.52 -0.65
CA GLY A 65 20.21 21.12 0.76
C GLY A 65 21.15 20.01 1.21
N ILE A 66 22.13 19.67 0.37
CA ILE A 66 23.02 18.55 0.68
C ILE A 66 24.28 19.05 1.37
N HIS A 67 24.68 18.45 2.48
CA HIS A 67 25.86 18.90 3.26
C HIS A 67 26.64 17.69 3.79
N ALA A 68 27.80 17.94 4.40
CA ALA A 68 28.51 16.93 5.19
C ALA A 68 27.60 16.44 6.33
N LEU A 69 27.43 15.12 6.47
CA LEU A 69 26.73 14.61 7.65
C LEU A 69 27.58 14.81 8.92
N GLU A 70 27.06 15.53 9.92
CA GLU A 70 27.77 15.74 11.21
C GLU A 70 27.40 14.74 12.28
N ASP A 71 26.46 13.85 11.95
CA ASP A 71 25.98 12.88 12.92
C ASP A 71 27.12 12.04 13.53
N GLU A 72 27.02 11.82 14.83
CA GLU A 72 27.92 10.90 15.52
C GLU A 72 27.94 9.52 14.85
N PHE A 73 26.79 9.05 14.36
CA PHE A 73 26.72 7.70 13.81
C PHE A 73 27.67 7.54 12.62
N VAL A 74 28.00 8.64 11.96
CA VAL A 74 28.92 8.54 10.81
C VAL A 74 30.34 8.14 11.25
N THR A 75 30.81 8.75 12.33
CA THR A 75 32.14 8.45 12.83
C THR A 75 32.10 7.12 13.61
N LYS A 76 31.00 6.85 14.30
CA LYS A 76 30.89 5.60 15.04
C LYS A 76 31.13 4.42 14.09
N TRP A 77 30.53 4.47 12.90
CA TRP A 77 30.61 3.33 11.98
C TRP A 77 31.56 3.53 10.79
N ASP A 78 32.21 4.69 10.74
CA ASP A 78 33.02 5.10 9.59
C ASP A 78 32.33 4.80 8.26
N LEU A 79 31.14 5.38 8.07
CA LEU A 79 30.33 5.08 6.88
C LEU A 79 31.04 5.54 5.61
N ALA A 80 30.99 4.72 4.56
CA ALA A 80 31.51 5.17 3.25
C ALA A 80 30.80 6.43 2.72
N VAL A 81 29.52 6.57 3.02
CA VAL A 81 28.73 7.76 2.61
C VAL A 81 28.69 8.73 3.80
N LYS A 82 29.09 9.99 3.59
CA LYS A 82 29.21 10.94 4.69
C LYS A 82 28.55 12.25 4.30
N ILE A 83 27.57 12.16 3.42
CA ILE A 83 26.81 13.31 2.87
C ILE A 83 25.33 13.04 2.78
N GLY A 84 24.54 14.12 2.77
CA GLY A 84 23.08 14.00 2.78
C GLY A 84 22.44 15.30 3.20
N GLY A 85 21.12 15.42 2.96
CA GLY A 85 20.41 16.62 3.42
C GLY A 85 19.44 16.25 4.53
N HIS A 86 19.77 16.61 5.78
CA HIS A 86 18.79 16.47 6.86
C HIS A 86 17.75 17.57 6.67
N LEU A 87 16.52 17.42 7.18
CA LEU A 87 15.57 18.54 7.14
C LEU A 87 16.19 19.80 7.76
N LYS A 88 15.90 20.95 7.15
CA LYS A 88 16.35 22.24 7.75
C LYS A 88 15.77 22.38 9.16
N ASP A 89 14.55 21.90 9.34
CA ASP A 89 13.80 22.17 10.57
C ASP A 89 13.28 20.81 11.01
N PRO A 90 13.91 20.20 12.04
CA PRO A 90 13.58 18.81 12.39
C PRO A 90 12.13 18.66 12.82
N VAL A 91 11.49 17.59 12.35
CA VAL A 91 10.10 17.30 12.72
C VAL A 91 9.91 17.35 14.25
N ASP A 92 10.84 16.78 15.01
CA ASP A 92 10.56 16.56 16.41
C ASP A 92 10.68 17.84 17.23
N SER A 93 11.18 18.93 16.65
CA SER A 93 11.12 20.20 17.36
C SER A 93 9.68 20.77 17.43
N HIS A 94 8.73 20.12 16.76
CA HIS A 94 7.32 20.51 16.84
C HIS A 94 6.44 19.51 17.60
N MET A 95 7.05 18.47 18.14
CA MET A 95 6.32 17.37 18.78
C MET A 95 6.39 17.49 20.30
N GLY A 96 5.23 17.37 20.94
CA GLY A 96 5.17 17.34 22.41
C GLY A 96 5.62 16.03 23.06
N ARG A 97 5.60 15.97 24.39
CA ARG A 97 6.05 14.81 25.14
C ARG A 97 5.31 13.52 24.79
N LEU A 98 3.98 13.63 24.62
CA LEU A 98 3.20 12.43 24.37
C LEU A 98 3.37 12.00 22.92
N ASP A 99 3.47 12.95 21.99
CA ASP A 99 3.63 12.56 20.57
C ASP A 99 4.94 11.80 20.39
N MET A 100 5.99 12.20 21.10
CA MET A 100 7.26 11.45 21.11
C MET A 100 7.17 10.01 21.61
N ARG A 101 6.17 9.72 22.44
CA ARG A 101 6.04 8.40 23.03
C ARG A 101 4.92 7.57 22.43
N ARG A 102 4.15 8.14 21.52
CA ARG A 102 2.94 7.51 21.01
C ARG A 102 2.88 7.36 19.50
N MET A 103 3.84 7.96 18.78
CA MET A 103 3.89 7.85 17.33
C MET A 103 5.27 7.43 16.86
N SER A 104 5.34 6.73 15.75
CA SER A 104 6.64 6.56 15.09
C SER A 104 6.99 7.86 14.35
N TYR A 105 8.23 7.99 13.90
CA TYR A 105 8.70 9.21 13.26
C TYR A 105 7.85 9.54 12.02
N VAL A 106 7.55 8.55 11.16
CA VAL A 106 6.71 8.90 10.02
C VAL A 106 5.29 9.42 10.40
N GLN A 107 4.72 8.92 11.49
CA GLN A 107 3.43 9.42 11.96
C GLN A 107 3.59 10.85 12.46
N ARG A 108 4.69 11.13 13.19
CA ARG A 108 4.96 12.48 13.64
C ARG A 108 5.08 13.48 12.47
N MET A 109 5.83 13.09 11.45
CA MET A 109 5.90 13.90 10.24
C MET A 109 4.49 14.05 9.63
N GLY A 110 3.74 12.97 9.50
CA GLY A 110 2.39 13.07 8.96
C GLY A 110 1.46 14.01 9.72
N LYS A 111 1.49 13.93 11.06
CA LYS A 111 0.71 14.85 11.86
C LYS A 111 1.16 16.31 11.56
N LEU A 112 2.46 16.55 11.62
CA LEU A 112 2.98 17.91 11.43
C LEU A 112 2.50 18.41 10.06
N LEU A 113 2.72 17.63 9.00
CA LEU A 113 2.36 18.16 7.65
C LEU A 113 0.84 18.24 7.44
N GLY A 114 0.12 17.26 7.97
CA GLY A 114 -1.35 17.25 7.86
C GLY A 114 -1.99 18.54 8.40
N GLY A 115 -1.56 18.93 9.59
CA GLY A 115 -1.99 20.23 10.20
C GLY A 115 -1.58 21.47 9.41
N GLN A 116 -0.33 21.51 8.94
CA GLN A 116 0.15 22.64 8.13
C GLN A 116 -0.64 22.75 6.84
N LEU A 117 -0.85 21.62 6.16
CA LEU A 117 -1.62 21.64 4.93
C LEU A 117 -3.03 22.19 5.21
N TRP A 118 -3.70 21.67 6.23
CA TRP A 118 -5.10 22.09 6.48
C TRP A 118 -5.19 23.58 6.80
N GLU A 119 -4.22 24.09 7.54
CA GLU A 119 -4.17 25.50 7.84
C GLU A 119 -3.95 26.30 6.56
N SER A 120 -2.98 25.86 5.75
CA SER A 120 -2.78 26.47 4.43
C SER A 120 -4.03 26.49 3.55
N ALA A 121 -4.86 25.45 3.63
CA ALA A 121 -6.12 25.40 2.88
C ALA A 121 -7.25 26.27 3.43
N GLY A 122 -7.02 26.99 4.54
CA GLY A 122 -8.10 27.80 5.09
C GLY A 122 -8.93 27.03 6.10
N SER A 123 -8.38 25.92 6.61
CA SER A 123 -9.09 25.08 7.60
C SER A 123 -10.54 24.77 7.23
N PRO A 124 -10.77 24.25 6.00
CA PRO A 124 -12.13 24.15 5.49
C PRO A 124 -12.97 23.12 6.25
N GLU A 125 -14.28 23.34 6.34
CA GLU A 125 -15.15 22.32 6.93
C GLU A 125 -15.72 21.55 5.75
N VAL A 126 -15.19 20.36 5.49
CA VAL A 126 -15.66 19.54 4.36
C VAL A 126 -16.56 18.46 4.89
N ASP A 127 -17.25 17.80 3.96
CA ASP A 127 -18.08 16.65 4.37
C ASP A 127 -17.11 15.48 4.63
N PRO A 128 -17.06 14.96 5.88
CA PRO A 128 -16.07 13.88 6.13
C PRO A 128 -16.28 12.63 5.29
N ASP A 129 -17.52 12.37 4.91
CA ASP A 129 -17.91 11.18 4.16
C ASP A 129 -17.53 11.28 2.68
N ARG A 130 -16.98 12.42 2.29
CA ARG A 130 -16.52 12.60 0.92
C ARG A 130 -15.03 12.97 0.89
N PHE A 131 -14.37 12.85 2.04
CA PHE A 131 -12.97 13.24 2.23
C PHE A 131 -12.09 11.98 2.45
N ALA A 132 -11.07 11.79 1.58
CA ALA A 132 -10.19 10.64 1.59
C ALA A 132 -8.74 11.04 1.90
N VAL A 133 -7.96 10.12 2.46
CA VAL A 133 -6.51 10.40 2.62
C VAL A 133 -5.75 9.28 1.92
N VAL A 134 -4.74 9.61 1.12
CA VAL A 134 -3.89 8.58 0.51
C VAL A 134 -2.46 9.02 0.72
N VAL A 135 -1.77 8.38 1.66
CA VAL A 135 -0.39 8.75 1.94
C VAL A 135 0.54 7.54 1.87
N GLY A 136 1.51 7.62 0.96
CA GLY A 136 2.56 6.61 0.79
C GLY A 136 3.74 6.80 1.75
N THR A 137 4.47 5.70 1.97
CA THR A 137 5.74 5.72 2.70
C THR A 137 6.55 4.49 2.26
N GLY A 138 7.87 4.54 2.47
CA GLY A 138 8.72 3.43 1.99
C GLY A 138 8.63 2.19 2.87
N LEU A 139 8.50 2.40 4.18
CA LEU A 139 8.71 1.32 5.17
C LEU A 139 7.68 1.37 6.31
N GLY A 140 7.55 2.52 6.99
CA GLY A 140 6.65 2.66 8.15
C GLY A 140 7.47 2.97 9.40
N GLY A 141 6.94 2.64 10.57
CA GLY A 141 7.61 3.01 11.82
C GLY A 141 8.65 2.01 12.28
N ALA A 142 9.63 1.71 11.43
CA ALA A 142 10.59 0.62 11.63
C ALA A 142 11.46 0.82 12.88
N GLU A 143 11.69 2.07 13.26
CA GLU A 143 12.47 2.27 14.50
C GLU A 143 11.79 1.63 15.71
N ARG A 144 10.46 1.53 15.65
CA ARG A 144 9.75 0.95 16.79
C ARG A 144 9.83 -0.58 16.75
N ILE A 145 10.06 -1.14 15.57
CA ILE A 145 10.36 -2.57 15.45
C ILE A 145 11.62 -2.84 16.25
N VAL A 146 12.70 -2.12 15.93
CA VAL A 146 13.97 -2.44 16.58
C VAL A 146 13.90 -2.10 18.08
N GLU A 147 13.22 -1.03 18.46
N GLU A 147 13.18 -1.05 18.44
CA GLU A 147 13.05 -0.70 19.89
CA GLU A 147 13.02 -0.68 19.85
C GLU A 147 12.32 -1.84 20.62
C GLU A 147 12.27 -1.76 20.63
N SER A 148 11.28 -2.36 19.99
CA SER A 148 10.39 -3.33 20.62
C SER A 148 11.20 -4.60 20.79
N TYR A 149 11.96 -4.93 19.73
CA TYR A 149 12.89 -6.08 19.77
C TYR A 149 13.91 -6.00 20.91
N ASP A 150 14.59 -4.87 21.01
CA ASP A 150 15.52 -4.68 22.13
C ASP A 150 14.83 -4.74 23.49
N LEU A 151 13.66 -4.13 23.62
CA LEU A 151 12.97 -4.11 24.91
C LEU A 151 12.62 -5.52 25.38
N MET A 152 12.03 -6.30 24.48
CA MET A 152 11.68 -7.70 24.70
C MET A 152 12.92 -8.55 25.01
N ASN A 153 13.98 -8.41 24.22
CA ASN A 153 15.21 -9.17 24.49
C ASN A 153 15.79 -8.82 25.86
N ALA A 154 15.63 -7.57 26.29
CA ALA A 154 16.12 -7.17 27.62
C ALA A 154 15.23 -7.56 28.79
N GLY A 155 13.91 -7.48 28.62
CA GLY A 155 13.01 -7.54 29.76
C GLY A 155 11.76 -8.38 29.55
N GLY A 156 11.66 -9.07 28.41
CA GLY A 156 10.54 -9.97 28.15
C GLY A 156 9.32 -9.28 27.51
N PRO A 157 8.26 -10.05 27.25
CA PRO A 157 7.20 -9.55 26.39
C PRO A 157 6.40 -8.40 27.05
N ARG A 158 6.44 -8.23 28.37
CA ARG A 158 5.66 -7.19 29.04
C ARG A 158 6.33 -5.82 28.93
N LYS A 159 7.52 -5.78 28.37
CA LYS A 159 8.21 -4.52 28.11
C LYS A 159 7.89 -3.95 26.72
N VAL A 160 7.21 -4.72 25.87
CA VAL A 160 6.73 -4.13 24.59
C VAL A 160 5.53 -3.18 24.81
N SER A 161 5.58 -2.03 24.13
CA SER A 161 4.49 -1.04 24.21
C SER A 161 3.17 -1.59 23.67
N PRO A 162 2.05 -1.32 24.38
CA PRO A 162 0.73 -1.57 23.81
C PRO A 162 0.47 -0.75 22.57
N LEU A 163 1.29 0.27 22.37
CA LEU A 163 1.13 1.05 21.11
C LEU A 163 2.05 0.61 19.95
N ALA A 164 2.84 -0.43 20.16
CA ALA A 164 3.87 -0.76 19.18
C ALA A 164 3.24 -1.13 17.86
N VAL A 165 2.21 -1.97 17.87
CA VAL A 165 1.61 -2.34 16.56
C VAL A 165 1.19 -1.11 15.75
N GLN A 166 0.47 -0.20 16.37
CA GLN A 166 -0.13 0.89 15.61
C GLN A 166 0.90 1.96 15.30
N MET A 167 2.03 2.01 16.00
CA MET A 167 3.12 2.87 15.54
C MET A 167 3.91 2.30 14.33
N ILE A 168 3.99 0.98 14.25
CA ILE A 168 4.88 0.28 13.32
C ILE A 168 4.17 0.15 11.97
N MET A 169 2.88 -0.20 12.03
CA MET A 169 2.20 -0.60 10.80
C MET A 169 2.39 0.48 9.72
N PRO A 170 2.66 0.07 8.48
CA PRO A 170 3.00 1.13 7.51
C PRO A 170 1.88 2.11 7.14
N ASN A 171 0.60 1.69 7.26
CA ASN A 171 -0.55 2.59 7.08
C ASN A 171 -0.69 3.56 8.24
N GLY A 172 0.22 3.51 9.22
CA GLY A 172 0.17 4.38 10.39
C GLY A 172 0.12 5.88 10.15
N ALA A 173 1.02 6.41 9.31
CA ALA A 173 1.06 7.86 9.00
C ALA A 173 -0.25 8.32 8.33
N ALA A 174 -0.70 7.57 7.31
CA ALA A 174 -1.95 7.89 6.66
C ALA A 174 -3.10 7.89 7.67
N ALA A 175 -3.13 6.90 8.55
CA ALA A 175 -4.22 6.76 9.51
C ALA A 175 -4.21 7.89 10.55
N VAL A 176 -3.01 8.31 10.93
CA VAL A 176 -2.90 9.46 11.87
C VAL A 176 -3.49 10.73 11.22
N ILE A 177 -3.17 10.95 9.95
CA ILE A 177 -3.67 12.10 9.19
C ILE A 177 -5.20 11.94 9.02
N GLY A 178 -5.69 10.76 8.65
CA GLY A 178 -7.16 10.54 8.54
C GLY A 178 -7.88 10.93 9.84
N LEU A 179 -7.35 10.49 10.97
CA LEU A 179 -7.94 10.78 12.27
C LEU A 179 -7.84 12.24 12.64
N GLN A 180 -6.69 12.83 12.33
CA GLN A 180 -6.45 14.25 12.59
C GLN A 180 -7.44 15.19 11.88
N LEU A 181 -7.71 14.91 10.60
CA LEU A 181 -8.46 15.81 9.71
C LEU A 181 -9.89 15.30 9.54
N GLY A 182 -10.18 14.08 9.98
CA GLY A 182 -11.57 13.57 9.96
C GLY A 182 -12.02 12.91 8.67
N ALA A 183 -11.12 12.20 7.98
CA ALA A 183 -11.46 11.67 6.67
C ALA A 183 -12.24 10.36 6.80
N ARG A 184 -13.40 10.26 6.18
CA ARG A 184 -14.21 9.04 6.29
C ARG A 184 -14.53 8.39 4.96
N ALA A 185 -13.95 8.91 3.88
CA ALA A 185 -14.15 8.30 2.57
C ALA A 185 -12.99 7.35 2.17
N GLY A 186 -12.22 6.89 3.15
CA GLY A 186 -11.09 6.00 2.88
C GLY A 186 -9.73 6.59 3.23
N VAL A 187 -8.90 5.75 3.84
CA VAL A 187 -7.53 6.14 4.14
C VAL A 187 -6.67 5.05 3.55
N MET A 188 -5.84 5.39 2.56
CA MET A 188 -5.06 4.38 1.88
CA MET A 188 -5.08 4.40 1.79
C MET A 188 -3.57 4.66 1.91
N THR A 189 -2.79 3.58 1.83
CA THR A 189 -1.33 3.66 1.89
C THR A 189 -0.78 2.71 0.82
N PRO A 190 -0.56 3.23 -0.39
CA PRO A 190 0.09 2.37 -1.40
C PRO A 190 1.59 2.35 -1.14
N VAL A 191 2.21 1.19 -1.17
CA VAL A 191 3.66 1.19 -0.97
CA VAL A 191 3.66 1.12 -0.94
C VAL A 191 4.31 0.65 -2.25
N SER A 192 5.23 1.44 -2.80
CA SER A 192 5.97 1.04 -4.02
C SER A 192 7.33 1.70 -3.95
N ALA A 193 7.94 1.58 -2.77
CA ALA A 193 9.29 1.97 -2.58
C ALA A 193 9.41 3.42 -3.09
N GLN A 194 10.39 3.76 -3.94
CA GLN A 194 10.66 5.16 -4.30
C GLN A 194 9.57 5.86 -5.13
N SER A 195 8.54 5.11 -5.59
CA SER A 195 7.45 5.78 -6.27
C SER A 195 6.24 5.98 -5.36
N SER A 196 6.34 5.65 -4.06
CA SER A 196 5.16 5.59 -3.19
C SER A 196 4.47 6.95 -3.10
N GLY A 197 5.22 8.05 -2.99
CA GLY A 197 4.58 9.39 -2.80
C GLY A 197 3.80 9.92 -4.01
N SER A 198 4.22 9.56 -5.22
CA SER A 198 3.45 9.87 -6.44
C SER A 198 2.32 8.87 -6.57
N GLU A 199 2.62 7.59 -6.31
CA GLU A 199 1.53 6.61 -6.43
C GLU A 199 0.33 7.06 -5.53
N ALA A 200 0.64 7.59 -4.35
CA ALA A 200 -0.46 8.00 -3.46
C ALA A 200 -1.40 9.04 -4.16
N ILE A 201 -0.81 10.00 -4.87
CA ILE A 201 -1.57 11.06 -5.52
C ILE A 201 -2.32 10.46 -6.69
N ALA A 202 -1.70 9.46 -7.34
CA ALA A 202 -2.45 8.79 -8.42
C ALA A 202 -3.75 8.13 -7.91
N HIS A 203 -3.64 7.39 -6.81
CA HIS A 203 -4.79 6.70 -6.24
C HIS A 203 -5.81 7.70 -5.68
N ALA A 204 -5.34 8.79 -5.09
CA ALA A 204 -6.27 9.89 -4.67
C ALA A 204 -7.09 10.45 -5.84
N TRP A 205 -6.44 10.66 -6.99
CA TRP A 205 -7.11 11.20 -8.16
C TRP A 205 -8.11 10.14 -8.66
N ARG A 206 -7.70 8.88 -8.69
CA ARG A 206 -8.65 7.81 -9.05
C ARG A 206 -9.91 7.79 -8.18
N GLN A 207 -9.71 7.87 -6.86
CA GLN A 207 -10.81 7.85 -5.89
CA GLN A 207 -10.84 7.83 -5.94
C GLN A 207 -11.79 9.00 -6.14
N ILE A 208 -11.29 10.16 -6.56
CA ILE A 208 -12.20 11.27 -6.89
C ILE A 208 -12.90 11.05 -8.23
N VAL A 209 -12.12 10.72 -9.26
CA VAL A 209 -12.80 10.55 -10.54
C VAL A 209 -13.74 9.35 -10.56
N MET A 210 -13.57 8.35 -9.69
CA MET A 210 -14.48 7.19 -9.59
CA MET A 210 -14.54 7.26 -9.70
C MET A 210 -15.70 7.49 -8.71
N GLY A 211 -15.72 8.69 -8.14
CA GLY A 211 -16.87 9.13 -7.34
C GLY A 211 -16.88 8.70 -5.89
N ASP A 212 -15.75 8.22 -5.38
CA ASP A 212 -15.69 7.84 -3.98
C ASP A 212 -15.39 8.97 -3.02
N ALA A 213 -14.86 10.08 -3.55
CA ALA A 213 -14.46 11.22 -2.72
C ALA A 213 -14.54 12.47 -3.56
N ASP A 214 -14.70 13.62 -2.91
CA ASP A 214 -14.63 14.90 -3.60
C ASP A 214 -13.38 15.68 -3.24
N VAL A 215 -12.70 15.26 -2.18
CA VAL A 215 -11.54 16.01 -1.66
C VAL A 215 -10.60 15.00 -1.04
N ALA A 216 -9.29 15.16 -1.21
CA ALA A 216 -8.37 14.17 -0.67
C ALA A 216 -7.08 14.86 -0.29
N VAL A 217 -6.54 14.52 0.87
CA VAL A 217 -5.16 14.90 1.22
C VAL A 217 -4.28 13.76 0.75
N CYS A 218 -3.22 14.05 -0.01
CA CYS A 218 -2.40 12.95 -0.53
C CYS A 218 -0.92 13.28 -0.64
N GLY A 219 -0.06 12.25 -0.59
CA GLY A 219 1.38 12.53 -0.70
C GLY A 219 2.20 11.44 -0.06
N GLY A 220 3.25 11.84 0.65
CA GLY A 220 4.25 10.86 1.05
C GLY A 220 5.02 11.39 2.22
N VAL A 221 5.38 10.47 3.12
CA VAL A 221 6.28 10.79 4.25
C VAL A 221 7.40 9.76 4.30
N GLU A 222 8.48 10.12 4.98
CA GLU A 222 9.59 9.17 5.02
C GLU A 222 10.48 9.49 6.21
N GLY A 223 11.17 8.47 6.70
CA GLY A 223 12.11 8.61 7.82
C GLY A 223 13.35 9.41 7.49
N PRO A 224 14.10 9.76 8.56
CA PRO A 224 15.30 10.57 8.38
C PRO A 224 16.48 9.72 7.98
N ILE A 225 17.60 10.38 7.69
CA ILE A 225 18.85 9.71 7.42
C ILE A 225 19.40 9.09 8.73
N GLU A 226 19.70 7.79 8.70
CA GLU A 226 20.28 7.13 9.88
C GLU A 226 21.28 6.09 9.40
N ALA A 227 22.03 5.54 10.35
CA ALA A 227 23.13 4.62 10.05
C ALA A 227 22.71 3.38 9.26
N LEU A 228 21.73 2.65 9.77
CA LEU A 228 21.31 1.42 9.12
C LEU A 228 20.71 1.61 7.73
N PRO A 229 19.87 2.66 7.51
CA PRO A 229 19.49 2.85 6.12
C PRO A 229 20.67 3.11 5.18
N ILE A 230 21.61 3.97 5.59
CA ILE A 230 22.79 4.21 4.77
C ILE A 230 23.55 2.91 4.51
N ALA A 231 23.78 2.13 5.59
CA ALA A 231 24.50 0.86 5.44
C ALA A 231 23.83 -0.03 4.37
N ALA A 232 22.51 -0.16 4.49
CA ALA A 232 21.80 -1.08 3.64
C ALA A 232 21.75 -0.63 2.17
N PHE A 233 21.44 0.65 1.92
CA PHE A 233 21.57 1.18 0.54
C PHE A 233 22.99 1.23 -0.01
N SER A 234 23.95 1.54 0.85
CA SER A 234 25.37 1.50 0.43
C SER A 234 25.86 0.15 -0.04
N MET A 235 25.36 -0.93 0.57
CA MET A 235 25.77 -2.28 0.15
C MET A 235 25.23 -2.60 -1.26
N MET A 236 24.33 -1.79 -1.80
CA MET A 236 23.87 -2.02 -3.18
C MET A 236 24.73 -1.24 -4.15
N ARG A 237 25.68 -0.46 -3.62
CA ARG A 237 26.72 0.20 -4.41
C ARG A 237 26.25 1.23 -5.44
N ALA A 238 25.18 1.96 -5.13
CA ALA A 238 24.71 2.96 -6.11
C ALA A 238 24.47 4.32 -5.44
N MET A 239 25.19 4.56 -4.33
CA MET A 239 25.15 5.86 -3.63
C MET A 239 26.40 6.64 -3.97
N SER A 240 26.28 7.96 -4.10
CA SER A 240 27.42 8.79 -4.36
C SER A 240 28.33 8.79 -3.12
N THR A 241 29.65 8.73 -3.33
CA THR A 241 30.56 8.89 -2.20
C THR A 241 31.44 10.14 -2.40
N ARG A 242 30.86 11.21 -2.98
CA ARG A 242 31.66 12.41 -3.23
CA ARG A 242 31.66 12.41 -3.23
C ARG A 242 31.70 13.26 -1.96
N ASN A 243 32.33 12.72 -0.93
CA ASN A 243 32.23 13.28 0.42
C ASN A 243 32.91 14.62 0.60
N ASP A 244 33.92 14.90 -0.22
CA ASP A 244 34.72 16.12 -0.21
CA ASP A 244 34.63 16.16 -0.01
C ASP A 244 33.90 17.35 -0.65
N GLU A 245 32.86 17.11 -1.46
CA GLU A 245 32.11 18.19 -2.11
C GLU A 245 30.59 17.83 -2.13
N PRO A 246 29.94 17.86 -0.96
CA PRO A 246 28.54 17.38 -0.82
C PRO A 246 27.56 17.98 -1.81
N GLU A 247 27.65 19.28 -2.04
CA GLU A 247 26.64 19.95 -2.86
CA GLU A 247 26.72 20.03 -2.89
C GLU A 247 26.85 19.61 -4.36
N ARG A 248 28.03 19.09 -4.71
CA ARG A 248 28.28 18.68 -6.09
C ARG A 248 28.01 17.19 -6.37
N ALA A 249 27.59 16.44 -5.34
CA ALA A 249 27.60 14.99 -5.43
C ALA A 249 26.42 14.43 -6.26
N SER A 250 25.24 15.03 -6.14
CA SER A 250 24.04 14.52 -6.84
C SER A 250 23.97 15.13 -8.25
N ARG A 251 24.20 14.34 -9.30
CA ARG A 251 24.39 14.90 -10.64
C ARG A 251 23.50 14.20 -11.64
N PRO A 252 22.18 14.34 -11.49
CA PRO A 252 21.34 13.54 -12.41
C PRO A 252 21.54 13.94 -13.85
N PHE A 253 21.66 12.92 -14.72
CA PHE A 253 21.82 13.13 -16.17
C PHE A 253 23.22 13.58 -16.61
N ASP A 254 24.06 13.92 -15.63
CA ASP A 254 25.44 14.34 -15.89
C ASP A 254 26.33 13.14 -16.23
N LYS A 255 27.33 13.39 -17.07
CA LYS A 255 28.21 12.32 -17.47
C LYS A 255 29.02 11.78 -16.28
N ASP A 256 29.27 12.59 -15.25
CA ASP A 256 30.11 12.20 -14.13
C ASP A 256 29.34 11.72 -12.88
N ARG A 257 28.03 11.45 -13.00
CA ARG A 257 27.21 10.94 -11.90
C ARG A 257 27.76 9.62 -11.36
N ASP A 258 27.68 9.46 -10.04
CA ASP A 258 28.20 8.27 -9.37
C ASP A 258 27.21 7.76 -8.31
N GLY A 259 25.91 7.88 -8.59
CA GLY A 259 24.88 7.44 -7.65
C GLY A 259 24.05 8.51 -6.93
N PHE A 260 23.08 8.05 -6.15
CA PHE A 260 22.14 8.98 -5.50
C PHE A 260 22.65 9.49 -4.15
N VAL A 261 22.00 10.55 -3.66
CA VAL A 261 22.28 11.11 -2.34
C VAL A 261 20.97 11.25 -1.57
N PHE A 262 20.96 10.86 -0.29
CA PHE A 262 19.76 10.98 0.53
C PHE A 262 19.50 12.46 0.78
N GLY A 263 18.24 12.85 0.71
CA GLY A 263 17.86 14.21 1.16
C GLY A 263 16.46 14.08 1.76
N GLU A 264 16.33 14.43 3.04
CA GLU A 264 15.08 14.17 3.78
C GLU A 264 13.94 15.03 3.25
N ALA A 265 12.71 14.52 3.31
CA ALA A 265 11.52 15.31 2.93
C ALA A 265 10.23 14.61 3.37
N GLY A 266 9.17 15.41 3.40
CA GLY A 266 7.82 14.87 3.43
C GLY A 266 6.99 15.89 2.69
N ALA A 267 5.90 15.49 2.05
CA ALA A 267 5.13 16.48 1.33
C ALA A 267 3.70 16.01 1.16
N LEU A 268 2.75 16.95 1.28
CA LEU A 268 1.34 16.65 1.04
C LEU A 268 0.72 17.71 0.16
N MET A 269 -0.32 17.32 -0.59
CA MET A 269 -1.16 18.28 -1.29
C MET A 269 -2.63 17.97 -1.05
N LEU A 270 -3.46 18.98 -1.26
CA LEU A 270 -4.90 18.84 -1.12
C LEU A 270 -5.43 18.92 -2.54
N ILE A 271 -6.23 17.94 -2.93
CA ILE A 271 -6.83 17.97 -4.26
C ILE A 271 -8.31 17.82 -4.03
N GLU A 272 -9.08 18.41 -4.94
CA GLU A 272 -10.52 18.33 -4.80
C GLU A 272 -11.15 18.54 -6.14
N THR A 273 -12.43 18.25 -6.27
CA THR A 273 -13.05 18.60 -7.53
C THR A 273 -13.07 20.12 -7.74
N GLU A 274 -13.02 20.54 -9.00
CA GLU A 274 -13.03 21.96 -9.31
C GLU A 274 -14.31 22.60 -8.76
N GLU A 275 -15.42 21.88 -8.84
CA GLU A 275 -16.69 22.33 -8.30
C GLU A 275 -16.65 22.50 -6.77
N HIS A 276 -16.08 21.51 -6.08
CA HIS A 276 -15.88 21.58 -4.62
C HIS A 276 -14.98 22.77 -4.25
N ALA A 277 -13.89 22.98 -4.98
CA ALA A 277 -13.03 24.17 -4.75
C ALA A 277 -13.77 25.50 -4.95
N LYS A 278 -14.51 25.60 -6.05
CA LYS A 278 -15.31 26.79 -6.33
CA LYS A 278 -15.27 26.82 -6.31
C LYS A 278 -16.28 27.12 -5.21
N ALA A 279 -16.97 26.09 -4.71
CA ALA A 279 -18.07 26.27 -3.76
C ALA A 279 -17.54 26.83 -2.44
N ARG A 280 -16.26 26.59 -2.14
CA ARG A 280 -15.69 27.05 -0.87
C ARG A 280 -14.75 28.24 -1.12
N GLY A 281 -14.59 28.63 -2.39
CA GLY A 281 -13.74 29.77 -2.76
C GLY A 281 -12.24 29.51 -2.70
N ALA A 282 -11.82 28.26 -2.94
CA ALA A 282 -10.40 27.95 -2.89
C ALA A 282 -9.78 28.37 -4.22
N LYS A 283 -8.58 28.94 -4.18
CA LYS A 283 -7.83 29.26 -5.39
C LYS A 283 -6.88 28.13 -5.80
N PRO A 284 -7.21 27.43 -6.91
CA PRO A 284 -6.35 26.34 -7.39
C PRO A 284 -4.95 26.80 -7.75
N LEU A 285 -3.95 25.96 -7.47
CA LEU A 285 -2.57 26.19 -7.87
C LEU A 285 -2.30 25.55 -9.22
N ALA A 286 -3.00 24.44 -9.52
CA ALA A 286 -2.82 23.64 -10.75
C ALA A 286 -3.96 22.68 -10.89
N ARG A 287 -4.00 21.98 -12.02
CA ARG A 287 -4.97 20.90 -12.25
C ARG A 287 -4.24 19.57 -12.23
N LEU A 288 -4.84 18.55 -11.63
CA LEU A 288 -4.34 17.20 -11.73
C LEU A 288 -5.17 16.39 -12.74
N LEU A 289 -4.60 16.12 -13.90
CA LEU A 289 -5.40 15.72 -15.07
C LEU A 289 -5.49 14.20 -15.29
N GLY A 290 -4.40 13.49 -14.99
CA GLY A 290 -4.40 12.03 -15.15
C GLY A 290 -3.18 11.39 -14.51
N ALA A 291 -3.21 10.06 -14.48
CA ALA A 291 -2.19 9.30 -13.77
C ALA A 291 -2.05 7.99 -14.49
N GLY A 292 -0.80 7.52 -14.62
CA GLY A 292 -0.50 6.25 -15.28
C GLY A 292 0.35 5.42 -14.32
N ILE A 293 -0.07 4.18 -14.10
CA ILE A 293 0.75 3.20 -13.33
C ILE A 293 1.04 1.93 -14.10
N THR A 294 2.31 1.62 -14.30
CA THR A 294 2.66 0.33 -14.87
C THR A 294 3.77 -0.35 -14.05
N SER A 295 4.29 -1.47 -14.58
CA SER A 295 5.35 -2.21 -13.94
C SER A 295 6.23 -2.82 -15.03
N ASP A 296 7.51 -3.00 -14.75
CA ASP A 296 8.50 -3.48 -15.73
C ASP A 296 8.48 -4.98 -15.97
N ALA A 297 8.23 -5.74 -14.89
CA ALA A 297 8.60 -7.17 -14.86
C ALA A 297 9.95 -7.43 -15.51
N PHE A 298 10.96 -6.77 -14.96
CA PHE A 298 12.32 -6.90 -15.52
C PHE A 298 13.26 -7.34 -14.40
N HIS A 299 13.45 -6.51 -13.38
CA HIS A 299 14.44 -6.83 -12.35
C HIS A 299 13.96 -6.11 -11.09
N MET A 300 14.32 -6.62 -9.92
CA MET A 300 13.81 -6.06 -8.66
C MET A 300 14.40 -4.69 -8.36
N VAL A 301 15.70 -4.49 -8.64
CA VAL A 301 16.33 -3.25 -8.25
C VAL A 301 17.09 -2.55 -9.38
N ALA A 302 16.74 -2.88 -10.61
CA ALA A 302 17.26 -2.10 -11.75
C ALA A 302 16.07 -1.88 -12.70
N PRO A 303 15.94 -0.67 -13.26
CA PRO A 303 14.84 -0.40 -14.17
C PRO A 303 15.17 -1.01 -15.53
N ALA A 304 14.14 -1.34 -16.32
CA ALA A 304 14.38 -1.88 -17.66
C ALA A 304 15.11 -0.82 -18.48
N ALA A 305 16.16 -1.22 -19.18
CA ALA A 305 16.99 -0.27 -19.93
C ALA A 305 16.16 0.39 -21.03
N ASP A 306 15.16 -0.32 -21.56
CA ASP A 306 14.44 0.15 -22.75
C ASP A 306 13.38 1.24 -22.47
N GLY A 307 13.05 1.42 -21.20
CA GLY A 307 12.15 2.49 -20.76
C GLY A 307 10.74 2.34 -21.32
N VAL A 308 10.37 1.15 -21.82
CA VAL A 308 9.10 0.98 -22.53
C VAL A 308 7.89 1.01 -21.56
N ARG A 309 7.91 0.22 -20.50
CA ARG A 309 6.78 0.27 -19.55
C ARG A 309 6.81 1.58 -18.76
N ALA A 310 8.00 2.11 -18.47
CA ALA A 310 8.01 3.45 -17.84
C ALA A 310 7.42 4.51 -18.76
N GLY A 311 7.78 4.47 -20.04
CA GLY A 311 7.16 5.38 -21.03
C GLY A 311 5.67 5.15 -21.18
N ARG A 312 5.23 3.89 -21.06
CA ARG A 312 3.79 3.66 -21.09
C ARG A 312 3.04 4.26 -19.92
N ALA A 313 3.66 4.32 -18.75
CA ALA A 313 3.00 5.03 -17.64
C ALA A 313 2.79 6.52 -17.97
N MET A 314 3.79 7.14 -18.58
CA MET A 314 3.67 8.54 -19.06
C MET A 314 2.54 8.61 -20.06
N THR A 315 2.59 7.75 -21.07
CA THR A 315 1.52 7.75 -22.09
C THR A 315 0.12 7.58 -21.46
N ARG A 316 -0.01 6.64 -20.54
CA ARG A 316 -1.32 6.44 -19.95
C ARG A 316 -1.80 7.70 -19.19
N SER A 317 -0.92 8.37 -18.45
CA SER A 317 -1.32 9.68 -17.85
C SER A 317 -1.84 10.67 -18.94
N LEU A 318 -1.21 10.67 -20.12
CA LEU A 318 -1.65 11.52 -21.24
C LEU A 318 -3.02 11.09 -21.74
N GLU A 319 -3.23 9.79 -21.87
CA GLU A 319 -4.50 9.30 -22.44
C GLU A 319 -5.62 9.74 -21.50
N LEU A 320 -5.41 9.55 -20.20
CA LEU A 320 -6.45 9.85 -19.21
C LEU A 320 -6.68 11.37 -19.12
N ALA A 321 -5.61 12.14 -19.28
CA ALA A 321 -5.76 13.59 -19.29
C ALA A 321 -6.45 14.13 -20.54
N GLY A 322 -6.25 13.41 -21.64
CA GLY A 322 -6.73 13.86 -22.95
C GLY A 322 -5.70 14.73 -23.65
N LEU A 323 -4.42 14.42 -23.47
CA LEU A 323 -3.32 15.24 -24.00
C LEU A 323 -2.49 14.43 -25.01
N SER A 324 -1.72 15.12 -25.85
CA SER A 324 -0.77 14.40 -26.68
CA SER A 324 -0.77 14.47 -26.73
C SER A 324 0.63 14.74 -26.18
N PRO A 325 1.62 13.92 -26.58
CA PRO A 325 2.96 14.19 -26.06
C PRO A 325 3.51 15.57 -26.42
N ALA A 326 3.10 16.10 -27.58
CA ALA A 326 3.45 17.48 -27.97
C ALA A 326 2.91 18.56 -27.03
N ASP A 327 1.88 18.24 -26.24
CA ASP A 327 1.35 19.21 -25.27
C ASP A 327 2.24 19.35 -24.06
N ILE A 328 3.13 18.38 -23.85
CA ILE A 328 3.84 18.40 -22.57
C ILE A 328 5.03 19.39 -22.65
N ASP A 329 5.01 20.45 -21.85
CA ASP A 329 6.09 21.44 -21.86
C ASP A 329 7.27 21.02 -21.00
N HIS A 330 6.94 20.26 -19.95
CA HIS A 330 7.89 20.04 -18.84
C HIS A 330 7.80 18.60 -18.30
N VAL A 331 8.94 17.94 -18.08
CA VAL A 331 8.91 16.70 -17.29
C VAL A 331 9.76 16.95 -16.04
N ASN A 332 9.18 16.67 -14.88
CA ASN A 332 9.93 16.57 -13.65
C ASN A 332 10.42 15.12 -13.49
N ALA A 333 11.70 14.91 -13.79
CA ALA A 333 12.32 13.58 -13.86
C ALA A 333 12.48 12.99 -12.46
N HIS A 334 12.33 11.67 -12.36
CA HIS A 334 12.76 10.94 -11.14
C HIS A 334 14.28 11.10 -10.95
N GLY A 335 15.06 10.99 -12.04
CA GLY A 335 16.45 11.50 -12.04
C GLY A 335 17.19 11.29 -10.73
N THR A 336 17.51 10.04 -10.42
CA THR A 336 18.23 9.72 -9.20
C THR A 336 19.74 9.99 -9.26
N ALA A 337 20.33 10.13 -10.46
CA ALA A 337 21.81 10.24 -10.63
C ALA A 337 22.56 8.94 -10.57
N THR A 338 21.85 7.80 -10.51
CA THR A 338 22.47 6.53 -10.86
C THR A 338 22.76 6.52 -12.37
N PRO A 339 23.92 5.97 -12.74
CA PRO A 339 24.16 5.66 -14.16
C PRO A 339 22.99 4.90 -14.82
N ILE A 340 22.54 3.76 -14.27
CA ILE A 340 21.57 3.01 -15.08
C ILE A 340 20.17 3.61 -14.95
N GLY A 341 19.89 4.23 -13.82
CA GLY A 341 18.55 4.83 -13.63
C GLY A 341 18.26 5.96 -14.60
N ASP A 342 19.21 6.89 -14.74
CA ASP A 342 18.99 8.07 -15.58
C ASP A 342 18.87 7.65 -17.04
N ALA A 343 19.65 6.63 -17.45
CA ALA A 343 19.67 6.22 -18.88
C ALA A 343 18.31 5.63 -19.21
N ALA A 344 17.78 4.80 -18.28
CA ALA A 344 16.48 4.13 -18.51
C ALA A 344 15.38 5.22 -18.60
N GLU A 345 15.43 6.21 -17.73
CA GLU A 345 14.38 7.24 -17.73
C GLU A 345 14.42 8.12 -18.98
N ALA A 346 15.63 8.41 -19.47
CA ALA A 346 15.76 9.16 -20.74
C ALA A 346 15.13 8.31 -21.87
N ASN A 347 15.34 7.00 -21.83
CA ASN A 347 14.69 6.16 -22.86
C ASN A 347 13.18 6.21 -22.68
N ALA A 348 12.69 6.17 -21.44
CA ALA A 348 11.23 6.21 -21.19
C ALA A 348 10.60 7.51 -21.72
N ILE A 349 11.29 8.63 -21.48
CA ILE A 349 10.78 9.93 -21.91
C ILE A 349 10.73 9.97 -23.46
N ARG A 350 11.71 9.37 -24.12
CA ARG A 350 11.65 9.27 -25.59
C ARG A 350 10.54 8.36 -26.05
N VAL A 351 10.29 7.27 -25.30
CA VAL A 351 9.29 6.31 -25.74
C VAL A 351 7.93 6.97 -25.72
N ALA A 352 7.72 7.79 -24.70
CA ALA A 352 6.49 8.54 -24.55
C ALA A 352 6.34 9.76 -25.48
N GLY A 353 7.39 10.12 -26.23
CA GLY A 353 7.28 11.27 -27.15
C GLY A 353 7.49 12.61 -26.46
N CYS A 354 7.99 12.59 -25.22
CA CYS A 354 8.14 13.77 -24.39
C CYS A 354 9.58 14.32 -24.34
N ASP A 355 10.46 13.90 -25.26
CA ASP A 355 11.87 14.27 -25.12
C ASP A 355 12.27 15.66 -25.64
N GLN A 356 11.29 16.38 -26.18
CA GLN A 356 11.40 17.82 -26.41
CA GLN A 356 11.51 17.81 -26.35
C GLN A 356 10.88 18.69 -25.25
N ALA A 357 10.36 18.09 -24.16
CA ALA A 357 10.00 18.87 -22.96
C ALA A 357 11.27 19.39 -22.30
N ALA A 358 11.14 20.44 -21.51
CA ALA A 358 12.24 20.94 -20.69
C ALA A 358 12.25 20.07 -19.41
N VAL A 359 13.40 19.50 -19.05
CA VAL A 359 13.47 18.53 -17.96
C VAL A 359 14.17 19.13 -16.71
N TYR A 360 13.61 18.88 -15.51
CA TYR A 360 14.20 19.19 -14.21
C TYR A 360 14.40 17.88 -13.42
N ALA A 361 15.56 17.76 -12.75
CA ALA A 361 15.83 16.63 -11.86
C ALA A 361 16.10 17.23 -10.47
N PRO A 362 15.03 17.47 -9.67
CA PRO A 362 15.19 18.10 -8.34
C PRO A 362 16.03 17.34 -7.31
N LYS A 363 16.23 16.04 -7.46
CA LYS A 363 17.18 15.34 -6.60
C LYS A 363 18.58 15.92 -6.69
N SER A 364 18.87 16.68 -7.74
CA SER A 364 20.17 17.35 -7.87
C SER A 364 20.39 18.30 -6.68
N ALA A 365 19.30 18.91 -6.18
CA ALA A 365 19.39 19.87 -5.05
C ALA A 365 18.86 19.36 -3.71
N LEU A 366 17.80 18.54 -3.78
CA LEU A 366 17.11 18.07 -2.58
C LEU A 366 17.41 16.63 -2.20
N GLY A 367 18.16 15.90 -3.02
CA GLY A 367 18.38 14.50 -2.77
C GLY A 367 17.14 13.65 -2.82
N HIS A 368 17.31 12.43 -2.36
CA HIS A 368 16.30 11.41 -2.56
C HIS A 368 15.66 11.15 -1.21
N SER A 369 14.33 11.31 -1.11
CA SER A 369 13.58 11.02 0.12
C SER A 369 12.72 9.77 -0.01
N ILE A 370 13.02 8.89 -0.96
CA ILE A 370 12.47 7.50 -0.98
C ILE A 370 10.92 7.56 -1.05
N GLY A 371 10.20 7.09 -0.05
CA GLY A 371 8.75 7.01 -0.19
C GLY A 371 8.09 8.37 -0.28
N ALA A 372 8.77 9.42 0.16
CA ALA A 372 8.11 10.74 0.04
C ALA A 372 8.44 11.43 -1.25
N VAL A 373 9.52 11.02 -1.92
CA VAL A 373 10.12 11.91 -2.91
C VAL A 373 9.15 12.24 -4.07
N GLY A 374 8.36 11.24 -4.47
CA GLY A 374 7.42 11.46 -5.56
C GLY A 374 6.35 12.50 -5.24
N ALA A 375 5.98 12.60 -3.97
CA ALA A 375 5.04 13.64 -3.50
C ALA A 375 5.73 15.00 -3.55
N LEU A 376 6.94 15.12 -2.96
CA LEU A 376 7.67 16.41 -3.04
C LEU A 376 7.74 16.87 -4.51
N GLU A 377 8.07 15.96 -5.43
CA GLU A 377 8.37 16.42 -6.78
C GLU A 377 7.07 16.78 -7.50
N SER A 378 5.97 16.17 -7.07
CA SER A 378 4.65 16.51 -7.62
C SER A 378 4.30 17.93 -7.16
N VAL A 379 4.59 18.22 -5.90
CA VAL A 379 4.47 19.62 -5.41
C VAL A 379 5.34 20.55 -6.26
N LEU A 380 6.57 20.16 -6.57
CA LEU A 380 7.43 21.09 -7.34
C LEU A 380 6.83 21.24 -8.74
N THR A 381 6.26 20.17 -9.31
CA THR A 381 5.68 20.25 -10.65
C THR A 381 4.53 21.27 -10.66
N VAL A 382 3.78 21.26 -9.55
CA VAL A 382 2.64 22.18 -9.38
C VAL A 382 3.16 23.62 -9.32
N LEU A 383 4.25 23.85 -8.57
CA LEU A 383 4.80 25.21 -8.50
C LEU A 383 5.37 25.68 -9.85
N THR A 384 5.96 24.76 -10.62
CA THR A 384 6.47 25.12 -11.92
C THR A 384 5.30 25.63 -12.78
N LEU A 385 4.17 24.93 -12.76
CA LEU A 385 3.02 25.35 -13.53
C LEU A 385 2.39 26.66 -13.06
N ARG A 386 2.19 26.77 -11.76
CA ARG A 386 1.72 28.02 -11.15
C ARG A 386 2.60 29.22 -11.53
N ASP A 387 3.93 29.09 -11.47
CA ASP A 387 4.81 30.26 -11.50
C ASP A 387 5.53 30.43 -12.85
N GLY A 388 5.38 29.47 -13.75
CA GLY A 388 5.96 29.61 -15.12
C GLY A 388 7.49 29.51 -15.08
N VAL A 389 8.03 28.62 -14.25
CA VAL A 389 9.50 28.59 -14.09
C VAL A 389 9.99 27.21 -13.62
N ILE A 390 11.13 26.78 -14.19
CA ILE A 390 11.76 25.53 -13.78
C ILE A 390 13.14 25.87 -13.22
N PRO A 391 13.46 25.37 -12.02
CA PRO A 391 14.75 25.67 -11.43
C PRO A 391 15.86 24.95 -12.22
N PRO A 392 17.11 25.38 -12.08
CA PRO A 392 18.20 24.68 -12.72
C PRO A 392 18.45 23.33 -12.05
N THR A 393 18.73 22.32 -12.88
CA THR A 393 19.28 21.08 -12.34
C THR A 393 20.73 21.30 -11.89
N LEU A 394 21.01 21.17 -10.59
CA LEU A 394 22.37 21.38 -10.13
C LEU A 394 23.29 20.30 -10.68
N ASN A 395 24.55 20.70 -10.81
CA ASN A 395 25.68 19.85 -11.12
C ASN A 395 25.67 19.31 -12.55
N TYR A 396 24.80 19.82 -13.40
CA TYR A 396 24.70 19.38 -14.79
C TYR A 396 25.71 20.13 -15.64
N GLU A 397 26.89 19.54 -15.77
CA GLU A 397 28.04 20.28 -16.30
C GLU A 397 28.62 19.65 -17.56
N THR A 398 28.36 18.36 -17.75
CA THR A 398 28.88 17.57 -18.86
C THR A 398 27.77 16.66 -19.38
N PRO A 399 27.05 17.12 -20.43
CA PRO A 399 26.02 16.24 -21.01
C PRO A 399 26.56 14.85 -21.35
N ASP A 400 25.62 13.90 -21.33
CA ASP A 400 25.88 12.50 -21.52
C ASP A 400 25.21 12.20 -22.85
N PRO A 401 25.98 11.77 -23.87
CA PRO A 401 25.43 11.50 -25.23
C PRO A 401 24.20 10.61 -25.25
N GLU A 402 24.17 9.62 -24.37
CA GLU A 402 23.09 8.63 -24.28
C GLU A 402 21.83 9.20 -23.68
N ILE A 403 22.01 10.36 -23.06
N ILE A 403 21.89 10.40 -23.12
CA ILE A 403 20.95 11.20 -22.56
CA ILE A 403 20.70 10.95 -22.49
C ILE A 403 20.95 12.47 -23.40
C ILE A 403 19.89 11.83 -23.46
N ASP A 404 20.05 12.50 -24.37
N ASP A 404 20.55 12.82 -24.07
CA ASP A 404 19.85 13.64 -25.22
CA ASP A 404 19.93 13.61 -25.13
C ASP A 404 18.56 14.29 -24.78
C ASP A 404 18.57 14.14 -24.69
N LEU A 405 18.54 14.85 -23.57
CA LEU A 405 17.34 15.53 -23.09
C LEU A 405 17.65 17.04 -22.91
N ASP A 406 16.59 17.86 -22.92
CA ASP A 406 16.71 19.28 -22.65
C ASP A 406 16.77 19.51 -21.14
N VAL A 407 17.91 19.24 -20.51
CA VAL A 407 17.99 19.42 -19.06
C VAL A 407 18.19 20.89 -18.73
N VAL A 408 17.27 21.44 -17.94
CA VAL A 408 17.41 22.85 -17.54
C VAL A 408 18.60 22.93 -16.59
N ALA A 409 19.50 23.87 -16.84
CA ALA A 409 20.66 23.99 -15.99
C ALA A 409 21.18 25.42 -16.08
N GLY A 410 22.05 25.77 -15.14
CA GLY A 410 22.74 27.07 -15.15
C GLY A 410 21.93 28.18 -14.51
N GLU A 411 20.70 28.33 -14.98
CA GLU A 411 19.79 29.28 -14.37
C GLU A 411 18.36 28.76 -14.63
N PRO A 412 17.33 29.42 -14.03
CA PRO A 412 15.97 28.93 -14.20
C PRO A 412 15.58 29.04 -15.65
N ARG A 413 14.60 28.24 -16.03
CA ARG A 413 14.05 28.34 -17.36
C ARG A 413 12.62 28.84 -17.20
N TYR A 414 12.33 29.96 -17.83
CA TYR A 414 11.02 30.61 -17.74
C TYR A 414 10.14 30.26 -18.94
N GLY A 415 8.85 30.10 -18.71
CA GLY A 415 8.00 29.92 -19.89
C GLY A 415 6.57 29.94 -19.44
N ASP A 416 5.64 30.09 -20.38
CA ASP A 416 4.24 29.95 -20.02
C ASP A 416 3.79 28.47 -20.15
N TYR A 417 4.23 27.66 -19.20
CA TYR A 417 4.02 26.21 -19.26
C TYR A 417 2.57 25.88 -19.02
N ARG A 418 2.04 25.00 -19.87
CA ARG A 418 0.63 24.63 -19.78
CA ARG A 418 0.63 24.58 -19.86
C ARG A 418 0.40 23.20 -19.23
N TYR A 419 1.34 22.29 -19.48
CA TYR A 419 1.23 20.88 -19.07
C TYR A 419 2.58 20.28 -18.71
N ALA A 420 2.58 19.47 -17.65
CA ALA A 420 3.81 18.85 -17.17
C ALA A 420 3.51 17.43 -16.73
N VAL A 421 4.54 16.60 -16.74
CA VAL A 421 4.43 15.25 -16.18
C VAL A 421 5.49 15.10 -15.11
N ASN A 422 5.05 14.55 -13.97
CA ASN A 422 5.97 14.15 -12.93
C ASN A 422 6.18 12.63 -13.00
N ASN A 423 7.44 12.19 -13.04
CA ASN A 423 7.80 10.79 -13.08
C ASN A 423 8.30 10.32 -11.72
N SER A 424 7.93 9.11 -11.32
CA SER A 424 8.57 8.42 -10.19
C SER A 424 8.63 6.92 -10.46
N PHE A 425 9.72 6.31 -10.04
CA PHE A 425 9.97 4.88 -10.21
C PHE A 425 10.44 4.28 -8.89
N GLY A 426 10.22 2.97 -8.74
CA GLY A 426 10.55 2.33 -7.47
C GLY A 426 11.08 0.93 -7.67
N PHE A 427 12.00 0.52 -6.80
CA PHE A 427 12.36 -0.88 -6.65
C PHE A 427 11.11 -1.77 -6.62
N GLY A 428 11.16 -2.81 -7.44
CA GLY A 428 10.01 -3.66 -7.75
C GLY A 428 9.65 -3.52 -9.22
N GLY A 429 10.16 -2.49 -9.87
CA GLY A 429 9.84 -2.14 -11.25
C GLY A 429 8.53 -1.31 -11.37
N HIS A 430 8.21 -0.53 -10.34
CA HIS A 430 7.00 0.31 -10.36
C HIS A 430 7.19 1.63 -11.10
N ASN A 431 6.29 1.94 -12.04
CA ASN A 431 6.38 3.18 -12.82
C ASN A 431 5.11 4.03 -12.62
N VAL A 432 5.29 5.26 -12.14
CA VAL A 432 4.12 6.13 -11.89
C VAL A 432 4.33 7.45 -12.62
N ALA A 433 3.33 7.90 -13.38
CA ALA A 433 3.44 9.20 -14.05
C ALA A 433 2.20 10.03 -13.75
N LEU A 434 2.38 11.31 -13.42
CA LEU A 434 1.24 12.19 -13.05
C LEU A 434 1.24 13.36 -14.04
N ALA A 435 0.10 13.56 -14.73
CA ALA A 435 -0.09 14.70 -15.61
C ALA A 435 -0.81 15.84 -14.92
N PHE A 436 -0.13 16.98 -14.85
CA PHE A 436 -0.66 18.20 -14.29
C PHE A 436 -0.79 19.30 -15.37
N GLY A 437 -1.72 20.21 -15.16
CA GLY A 437 -1.85 21.40 -16.02
C GLY A 437 -1.91 22.71 -15.26
N ARG A 438 -1.51 23.77 -15.94
CA ARG A 438 -1.67 25.12 -15.41
C ARG A 438 -3.14 25.42 -15.13
N TYR A 439 -3.45 26.06 -14.00
CA TYR A 439 -4.81 26.49 -13.75
C TYR A 439 -5.10 27.86 -14.39
N GLN B 26 -25.50 6.10 -13.59
CA GLN B 26 -24.20 5.76 -12.96
C GLN B 26 -23.85 4.28 -13.21
N PRO B 27 -22.63 4.02 -13.67
CA PRO B 27 -22.23 2.68 -14.10
C PRO B 27 -22.34 1.68 -12.93
N SER B 28 -22.87 0.50 -13.21
CA SER B 28 -22.81 -0.58 -12.24
C SER B 28 -22.41 -1.81 -13.06
N THR B 29 -22.09 -2.90 -12.37
CA THR B 29 -21.83 -4.15 -13.07
C THR B 29 -23.14 -4.61 -13.70
N ALA B 30 -24.24 -4.52 -12.94
CA ALA B 30 -25.50 -5.10 -13.44
C ALA B 30 -25.98 -4.42 -14.70
N ASN B 31 -25.72 -3.12 -14.81
CA ASN B 31 -26.24 -2.34 -15.93
C ASN B 31 -25.23 -2.22 -17.08
N GLY B 32 -24.09 -2.88 -16.90
CA GLY B 32 -23.13 -3.05 -17.97
C GLY B 32 -22.24 -1.83 -18.06
N GLY B 33 -22.32 -0.95 -17.07
CA GLY B 33 -21.44 0.20 -17.10
C GLY B 33 -20.00 -0.10 -16.72
N PHE B 34 -19.80 -1.15 -15.92
CA PHE B 34 -18.50 -1.75 -15.68
C PHE B 34 -18.43 -3.07 -16.43
N PRO B 35 -17.21 -3.46 -16.88
CA PRO B 35 -17.15 -4.78 -17.52
C PRO B 35 -17.39 -5.86 -16.48
N SER B 36 -17.88 -7.02 -16.92
CA SER B 36 -17.95 -8.19 -16.04
C SER B 36 -16.56 -8.74 -15.65
N VAL B 37 -16.34 -8.96 -14.35
CA VAL B 37 -15.09 -9.51 -13.82
C VAL B 37 -15.37 -10.81 -13.09
N VAL B 38 -14.62 -11.86 -13.43
CA VAL B 38 -14.83 -13.20 -12.89
C VAL B 38 -13.55 -13.64 -12.17
N VAL B 39 -13.76 -14.49 -11.16
CA VAL B 39 -12.69 -15.20 -10.46
C VAL B 39 -12.49 -16.54 -11.17
N THR B 40 -11.27 -16.80 -11.63
CA THR B 40 -10.99 -18.03 -12.38
C THR B 40 -10.01 -19.02 -11.70
N ALA B 41 -9.38 -18.64 -10.58
CA ALA B 41 -8.52 -19.58 -9.87
C ALA B 41 -8.32 -18.97 -8.49
N VAL B 42 -8.16 -19.83 -7.48
CA VAL B 42 -7.85 -19.45 -6.10
C VAL B 42 -6.75 -20.38 -5.53
N THR B 43 -5.91 -19.86 -4.64
CA THR B 43 -4.97 -20.73 -3.98
C THR B 43 -4.90 -20.23 -2.53
N ALA B 44 -4.66 -21.10 -1.57
CA ALA B 44 -4.38 -20.59 -0.22
C ALA B 44 -3.66 -21.62 0.59
N THR B 45 -2.86 -21.17 1.55
CA THR B 45 -2.25 -22.09 2.50
C THR B 45 -2.76 -21.69 3.89
N THR B 46 -3.19 -22.66 4.70
CA THR B 46 -3.84 -22.29 5.96
C THR B 46 -3.35 -23.19 7.09
N SER B 47 -3.84 -22.96 8.31
CA SER B 47 -3.67 -23.86 9.45
C SER B 47 -4.29 -25.26 9.33
N ILE B 48 -5.24 -25.42 8.41
CA ILE B 48 -5.91 -26.70 8.18
C ILE B 48 -5.18 -27.49 7.09
N SER B 49 -4.72 -26.80 6.06
CA SER B 49 -4.19 -27.49 4.89
C SER B 49 -3.42 -26.56 3.98
N PRO B 50 -2.46 -27.11 3.21
CA PRO B 50 -1.87 -26.29 2.14
C PRO B 50 -2.71 -26.22 0.88
N ASP B 51 -3.78 -27.01 0.82
CA ASP B 51 -4.62 -27.17 -0.38
CA ASP B 51 -4.60 -27.14 -0.38
C ASP B 51 -5.97 -26.54 -0.08
N ILE B 52 -6.28 -25.41 -0.71
CA ILE B 52 -7.55 -24.71 -0.48
C ILE B 52 -8.79 -25.62 -0.55
N GLU B 53 -8.85 -26.56 -1.51
CA GLU B 53 -9.98 -27.51 -1.58
C GLU B 53 -10.05 -28.44 -0.35
N SER B 54 -8.91 -28.83 0.19
CA SER B 54 -8.91 -29.56 1.47
C SER B 54 -9.26 -28.66 2.64
N THR B 55 -8.71 -27.46 2.68
CA THR B 55 -9.16 -26.52 3.69
C THR B 55 -10.69 -26.43 3.67
N TRP B 56 -11.28 -26.35 2.49
CA TRP B 56 -12.72 -26.12 2.35
C TRP B 56 -13.48 -27.33 2.89
N LYS B 57 -13.04 -28.52 2.50
CA LYS B 57 -13.67 -29.76 3.00
C LYS B 57 -13.60 -29.85 4.51
N GLY B 58 -12.43 -29.50 5.04
CA GLY B 58 -12.20 -29.38 6.47
C GLY B 58 -13.15 -28.45 7.20
N LEU B 59 -13.21 -27.19 6.78
CA LEU B 59 -14.18 -26.25 7.35
C LEU B 59 -15.57 -26.82 7.34
N LEU B 60 -15.97 -27.42 6.22
CA LEU B 60 -17.31 -27.98 6.10
C LEU B 60 -17.59 -29.12 7.07
N ALA B 61 -16.53 -29.82 7.46
CA ALA B 61 -16.60 -30.92 8.43
C ALA B 61 -16.40 -30.48 9.87
N GLY B 62 -16.26 -29.18 10.07
CA GLY B 62 -16.27 -28.61 11.42
C GLY B 62 -14.88 -28.55 11.99
N GLU B 63 -13.86 -28.70 11.13
CA GLU B 63 -12.49 -28.74 11.62
C GLU B 63 -11.97 -27.35 12.00
N SER B 64 -11.08 -27.35 12.98
CA SER B 64 -10.38 -26.17 13.46
C SER B 64 -8.89 -26.25 13.19
N GLY B 65 -8.26 -25.15 12.80
CA GLY B 65 -6.81 -25.15 12.64
C GLY B 65 -6.04 -24.69 13.86
N ILE B 66 -6.74 -24.43 14.96
CA ILE B 66 -6.13 -23.78 16.12
C ILE B 66 -5.72 -24.85 17.15
N HIS B 67 -4.49 -24.80 17.64
CA HIS B 67 -3.92 -25.83 18.52
C HIS B 67 -3.05 -25.16 19.60
N ALA B 68 -2.65 -25.90 20.63
CA ALA B 68 -1.58 -25.49 21.55
C ALA B 68 -0.32 -25.12 20.77
N LEU B 69 0.28 -23.96 21.04
CA LEU B 69 1.57 -23.68 20.41
C LEU B 69 2.69 -24.47 21.07
N GLU B 70 3.42 -25.27 20.29
CA GLU B 70 4.48 -26.05 20.92
CA GLU B 70 4.51 -26.11 20.80
C GLU B 70 5.87 -25.42 20.75
N ASP B 71 5.91 -24.23 20.16
CA ASP B 71 7.18 -23.53 19.90
C ASP B 71 7.95 -23.29 21.19
N GLU B 72 9.27 -23.32 21.09
CA GLU B 72 10.09 -23.13 22.27
C GLU B 72 9.99 -21.70 22.79
N PHE B 73 9.76 -20.74 21.89
CA PHE B 73 9.57 -19.34 22.28
C PHE B 73 8.41 -19.11 23.28
N VAL B 74 7.37 -19.93 23.25
CA VAL B 74 6.26 -19.76 24.18
C VAL B 74 6.74 -19.94 25.62
N THR B 75 7.47 -21.03 25.86
CA THR B 75 7.93 -21.29 27.22
C THR B 75 9.15 -20.43 27.54
N LYS B 76 9.96 -20.11 26.53
CA LYS B 76 11.09 -19.22 26.78
C LYS B 76 10.64 -17.91 27.42
N TRP B 77 9.58 -17.30 26.88
CA TRP B 77 9.09 -15.99 27.32
C TRP B 77 7.86 -16.04 28.23
N ASP B 78 7.38 -17.24 28.50
CA ASP B 78 6.15 -17.48 29.26
C ASP B 78 5.04 -16.55 28.72
N LEU B 79 4.77 -16.68 27.41
CA LEU B 79 3.78 -15.82 26.77
C LEU B 79 2.38 -16.07 27.32
N ALA B 80 1.63 -14.99 27.51
CA ALA B 80 0.24 -15.06 27.99
C ALA B 80 -0.64 -15.84 27.02
N VAL B 81 -0.35 -15.71 25.73
CA VAL B 81 -1.04 -16.43 24.67
C VAL B 81 -0.23 -17.65 24.25
N LYS B 82 -0.87 -18.80 24.30
CA LYS B 82 -0.17 -20.05 24.16
C LYS B 82 -0.92 -20.88 23.13
N ILE B 83 -1.71 -20.22 22.29
CA ILE B 83 -2.52 -20.92 21.28
C ILE B 83 -2.45 -20.24 19.92
N GLY B 84 -2.80 -20.97 18.88
CA GLY B 84 -2.72 -20.39 17.54
C GLY B 84 -2.65 -21.46 16.48
N GLY B 85 -2.75 -21.07 15.21
CA GLY B 85 -2.71 -22.05 14.13
C GLY B 85 -1.50 -21.78 13.23
N HIS B 86 -0.42 -22.56 13.35
CA HIS B 86 0.67 -22.49 12.34
C HIS B 86 0.18 -23.12 11.04
N LEU B 87 0.69 -22.69 9.89
CA LEU B 87 0.41 -23.45 8.67
C LEU B 87 0.52 -24.97 8.85
N LYS B 88 -0.44 -25.68 8.26
CA LYS B 88 -0.38 -27.16 8.28
C LYS B 88 0.95 -27.60 7.64
N ASP B 89 1.30 -26.94 6.55
CA ASP B 89 2.49 -27.24 5.74
C ASP B 89 3.35 -25.98 5.63
N PRO B 90 4.49 -25.92 6.33
CA PRO B 90 5.24 -24.66 6.40
C PRO B 90 5.73 -24.26 5.00
N VAL B 91 5.62 -22.98 4.68
CA VAL B 91 6.14 -22.42 3.43
C VAL B 91 7.56 -22.92 3.11
N ASP B 92 8.42 -22.86 4.13
CA ASP B 92 9.82 -23.24 3.92
C ASP B 92 10.15 -24.71 3.65
N SER B 93 9.19 -25.62 3.85
CA SER B 93 9.37 -26.99 3.35
C SER B 93 9.48 -27.02 1.82
N HIS B 94 9.12 -25.92 1.16
CA HIS B 94 9.12 -25.84 -0.30
C HIS B 94 10.23 -24.96 -0.86
N MET B 95 11.04 -24.41 0.02
CA MET B 95 11.86 -23.29 -0.37
C MET B 95 13.30 -23.73 -0.60
N GLY B 96 13.86 -23.33 -1.74
CA GLY B 96 15.27 -23.60 -2.03
C GLY B 96 16.13 -22.92 -0.98
N ARG B 97 17.36 -23.41 -0.84
CA ARG B 97 18.30 -22.92 0.17
C ARG B 97 18.72 -21.47 -0.13
N LEU B 98 18.82 -21.16 -1.43
CA LEU B 98 19.11 -19.80 -1.87
C LEU B 98 17.98 -18.85 -1.52
N ASP B 99 16.74 -19.30 -1.74
CA ASP B 99 15.61 -18.44 -1.43
C ASP B 99 15.55 -18.07 0.05
N MET B 100 16.06 -18.95 0.91
CA MET B 100 15.91 -18.83 2.35
C MET B 100 16.82 -17.70 2.83
N ARG B 101 17.87 -17.42 2.06
CA ARG B 101 18.82 -16.34 2.35
CA ARG B 101 18.78 -16.32 2.38
C ARG B 101 18.46 -15.02 1.62
N ARG B 102 17.82 -15.13 0.47
CA ARG B 102 17.70 -13.97 -0.44
C ARG B 102 16.25 -13.44 -0.67
N MET B 103 15.29 -14.01 0.05
CA MET B 103 13.93 -13.47 0.07
C MET B 103 13.47 -13.37 1.52
N SER B 104 12.60 -12.42 1.83
CA SER B 104 11.97 -12.43 3.14
C SER B 104 10.89 -13.53 3.18
N TYR B 105 10.35 -13.76 4.38
CA TYR B 105 9.37 -14.85 4.53
C TYR B 105 8.10 -14.58 3.67
N VAL B 106 7.61 -13.34 3.71
CA VAL B 106 6.43 -13.06 2.88
C VAL B 106 6.71 -13.14 1.38
N GLN B 107 7.91 -12.78 0.93
CA GLN B 107 8.29 -13.04 -0.47
C GLN B 107 8.31 -14.53 -0.85
N ARG B 108 8.81 -15.36 0.08
CA ARG B 108 8.81 -16.80 -0.13
C ARG B 108 7.35 -17.28 -0.20
N MET B 109 6.53 -16.81 0.74
CA MET B 109 5.10 -17.14 0.66
C MET B 109 4.48 -16.67 -0.68
N GLY B 110 4.82 -15.44 -1.08
CA GLY B 110 4.31 -14.97 -2.35
C GLY B 110 4.70 -15.82 -3.55
N LYS B 111 5.97 -16.16 -3.62
CA LYS B 111 6.48 -16.98 -4.73
C LYS B 111 5.78 -18.33 -4.75
N LEU B 112 5.62 -18.94 -3.58
CA LEU B 112 4.98 -20.26 -3.50
C LEU B 112 3.55 -20.18 -3.98
N LEU B 113 2.82 -19.22 -3.41
CA LEU B 113 1.38 -19.11 -3.75
C LEU B 113 1.18 -18.66 -5.20
N GLY B 114 1.99 -17.74 -5.66
CA GLY B 114 1.87 -17.30 -7.07
C GLY B 114 2.11 -18.38 -8.12
N GLY B 115 3.10 -19.24 -7.90
CA GLY B 115 3.33 -20.38 -8.80
C GLY B 115 2.18 -21.37 -8.71
N GLN B 116 1.67 -21.60 -7.50
CA GLN B 116 0.54 -22.54 -7.39
C GLN B 116 -0.71 -22.04 -8.12
N LEU B 117 -0.98 -20.75 -7.93
CA LEU B 117 -2.17 -20.15 -8.54
C LEU B 117 -2.07 -20.25 -10.07
N TRP B 118 -0.91 -19.88 -10.59
CA TRP B 118 -0.71 -19.86 -12.05
C TRP B 118 -0.85 -21.27 -12.63
N GLU B 119 -0.37 -22.30 -11.93
CA GLU B 119 -0.54 -23.69 -12.37
CA GLU B 119 -0.55 -23.68 -12.41
C GLU B 119 -2.01 -24.08 -12.35
N SER B 120 -2.68 -23.69 -11.27
CA SER B 120 -4.10 -23.99 -11.08
CA SER B 120 -4.10 -23.99 -11.08
C SER B 120 -4.94 -23.39 -12.21
N ALA B 121 -4.48 -22.24 -12.70
CA ALA B 121 -5.12 -21.51 -13.81
C ALA B 121 -4.80 -22.11 -15.18
N GLY B 122 -4.02 -23.18 -15.25
CA GLY B 122 -3.59 -23.72 -16.55
C GLY B 122 -2.41 -22.99 -17.16
N SER B 123 -1.62 -22.29 -16.35
CA SER B 123 -0.46 -21.52 -16.79
C SER B 123 -0.70 -20.68 -18.07
N PRO B 124 -1.71 -19.79 -18.03
CA PRO B 124 -2.09 -19.13 -19.29
C PRO B 124 -1.04 -18.15 -19.78
N GLU B 125 -0.92 -18.04 -21.11
CA GLU B 125 -0.10 -17.06 -21.79
C GLU B 125 -0.96 -15.82 -21.90
N VAL B 126 -0.77 -14.84 -21.01
CA VAL B 126 -1.59 -13.66 -21.16
C VAL B 126 -0.73 -12.52 -21.73
N ASP B 127 -1.37 -11.41 -22.10
CA ASP B 127 -0.60 -10.24 -22.54
C ASP B 127 -0.01 -9.61 -21.28
N PRO B 128 1.33 -9.63 -21.12
CA PRO B 128 1.85 -9.03 -19.87
C PRO B 128 1.43 -7.57 -19.66
N ASP B 129 1.18 -6.85 -20.75
CA ASP B 129 0.95 -5.40 -20.65
C ASP B 129 -0.47 -5.12 -20.20
N ARG B 130 -1.24 -6.20 -20.03
CA ARG B 130 -2.60 -6.09 -19.55
C ARG B 130 -2.81 -6.87 -18.25
N PHE B 131 -1.71 -7.32 -17.64
CA PHE B 131 -1.73 -8.18 -16.48
C PHE B 131 -1.15 -7.44 -15.26
N ALA B 132 -1.97 -7.28 -14.20
CA ALA B 132 -1.52 -6.56 -13.00
C ALA B 132 -1.42 -7.49 -11.80
N VAL B 133 -0.73 -7.07 -10.75
CA VAL B 133 -0.69 -7.85 -9.50
C VAL B 133 -1.03 -6.87 -8.39
N VAL B 134 -1.88 -7.26 -7.45
CA VAL B 134 -2.18 -6.40 -6.31
C VAL B 134 -2.17 -7.32 -5.11
N VAL B 135 -1.19 -7.18 -4.22
CA VAL B 135 -1.11 -8.10 -3.08
C VAL B 135 -0.82 -7.26 -1.84
N GLY B 136 -1.64 -7.37 -0.81
CA GLY B 136 -1.42 -6.67 0.44
C GLY B 136 -0.70 -7.51 1.46
N THR B 137 -0.13 -6.85 2.46
CA THR B 137 0.47 -7.54 3.58
C THR B 137 0.47 -6.55 4.73
N GLY B 138 0.60 -7.01 5.98
CA GLY B 138 0.52 -6.09 7.11
C GLY B 138 1.79 -5.28 7.30
N LEU B 139 2.95 -5.89 7.07
CA LEU B 139 4.20 -5.26 7.46
C LEU B 139 5.31 -5.38 6.42
N GLY B 140 5.58 -6.59 5.93
CA GLY B 140 6.67 -6.81 4.96
C GLY B 140 7.74 -7.69 5.53
N GLY B 141 8.97 -7.53 5.05
CA GLY B 141 10.07 -8.43 5.37
C GLY B 141 10.72 -7.98 6.66
N ALA B 142 9.93 -7.88 7.74
CA ALA B 142 10.47 -7.26 8.97
C ALA B 142 11.57 -8.06 9.69
N GLU B 143 11.56 -9.38 9.51
CA GLU B 143 12.62 -10.19 10.11
C GLU B 143 14.00 -9.74 9.57
N ARG B 144 14.04 -9.23 8.34
CA ARG B 144 15.32 -8.81 7.76
C ARG B 144 15.77 -7.47 8.32
N ILE B 145 14.81 -6.69 8.80
CA ILE B 145 15.16 -5.46 9.56
C ILE B 145 15.91 -5.81 10.85
N VAL B 146 15.35 -6.70 11.67
CA VAL B 146 16.03 -7.02 12.93
C VAL B 146 17.32 -7.82 12.65
N GLU B 147 17.37 -8.60 11.55
CA GLU B 147 18.58 -9.34 11.17
CA GLU B 147 18.58 -9.33 11.23
C GLU B 147 19.68 -8.36 10.80
N SER B 148 19.32 -7.38 9.96
CA SER B 148 20.28 -6.35 9.53
C SER B 148 20.81 -5.52 10.71
N TYR B 149 19.91 -5.17 11.62
CA TYR B 149 20.28 -4.46 12.86
C TYR B 149 21.30 -5.22 13.70
N ASP B 150 21.03 -6.51 13.96
CA ASP B 150 21.94 -7.36 14.72
C ASP B 150 23.28 -7.53 14.00
N LEU B 151 23.24 -7.71 12.69
CA LEU B 151 24.48 -7.92 11.91
C LEU B 151 25.36 -6.70 11.94
N MET B 152 24.73 -5.55 11.77
CA MET B 152 25.48 -4.31 11.84
C MET B 152 26.01 -4.03 13.26
N ASN B 153 25.21 -4.27 14.30
CA ASN B 153 25.72 -4.06 15.66
C ASN B 153 26.90 -4.96 15.95
N ALA B 154 26.87 -6.18 15.41
CA ALA B 154 27.94 -7.15 15.70
C ALA B 154 29.17 -6.86 14.86
N GLY B 155 28.98 -6.37 13.64
CA GLY B 155 30.04 -6.43 12.63
C GLY B 155 30.27 -5.19 11.78
N GLY B 156 29.49 -4.13 12.04
CA GLY B 156 29.61 -2.92 11.26
C GLY B 156 28.76 -2.90 10.00
N PRO B 157 28.75 -1.74 9.31
CA PRO B 157 27.82 -1.45 8.23
C PRO B 157 27.97 -2.35 7.00
N ARG B 158 29.16 -2.93 6.79
CA ARG B 158 29.40 -3.76 5.60
C ARG B 158 28.98 -5.22 5.80
N LYS B 159 28.47 -5.54 7.00
CA LYS B 159 27.90 -6.86 7.22
C LYS B 159 26.39 -6.90 6.95
N VAL B 160 25.80 -5.79 6.51
CA VAL B 160 24.38 -5.80 6.15
C VAL B 160 24.25 -6.45 4.78
N SER B 161 23.19 -7.22 4.55
CA SER B 161 23.05 -7.86 3.25
C SER B 161 22.92 -6.84 2.12
N PRO B 162 23.61 -7.02 0.97
CA PRO B 162 23.24 -6.24 -0.24
C PRO B 162 21.82 -6.45 -0.79
N LEU B 163 21.11 -7.46 -0.33
CA LEU B 163 19.70 -7.66 -0.72
C LEU B 163 18.78 -7.21 0.40
N ALA B 164 19.33 -6.65 1.50
CA ALA B 164 18.46 -6.27 2.60
C ALA B 164 17.27 -5.39 2.19
N VAL B 165 17.54 -4.31 1.48
CA VAL B 165 16.46 -3.39 1.11
C VAL B 165 15.33 -4.10 0.34
N GLN B 166 15.72 -4.92 -0.62
CA GLN B 166 14.68 -5.46 -1.51
C GLN B 166 13.92 -6.62 -0.86
N MET B 167 14.44 -7.14 0.24
CA MET B 167 13.75 -8.11 1.08
C MET B 167 12.85 -7.41 2.07
N ILE B 168 13.32 -6.29 2.61
CA ILE B 168 12.54 -5.57 3.62
C ILE B 168 11.29 -4.83 3.10
N MET B 169 11.45 -4.13 1.97
CA MET B 169 10.43 -3.24 1.46
C MET B 169 9.05 -3.93 1.41
N PRO B 170 7.97 -3.25 1.89
CA PRO B 170 6.71 -3.97 2.01
C PRO B 170 6.04 -4.34 0.70
N ASN B 171 6.43 -3.64 -0.37
CA ASN B 171 6.02 -4.02 -1.72
C ASN B 171 6.78 -5.23 -2.27
N GLY B 172 7.63 -5.86 -1.45
CA GLY B 172 8.52 -6.95 -1.90
C GLY B 172 7.79 -8.19 -2.37
N ALA B 173 6.75 -8.59 -1.63
CA ALA B 173 6.03 -9.80 -1.96
C ALA B 173 5.29 -9.62 -3.30
N ALA B 174 4.56 -8.52 -3.40
CA ALA B 174 3.85 -8.18 -4.66
C ALA B 174 4.83 -8.15 -5.83
N ALA B 175 5.97 -7.51 -5.61
CA ALA B 175 6.99 -7.41 -6.66
C ALA B 175 7.60 -8.77 -7.04
N VAL B 176 7.82 -9.67 -6.09
CA VAL B 176 8.28 -11.03 -6.43
C VAL B 176 7.27 -11.68 -7.36
N ILE B 177 6.01 -11.55 -6.99
CA ILE B 177 4.96 -12.24 -7.76
C ILE B 177 4.88 -11.62 -9.15
N GLY B 178 5.02 -10.30 -9.21
CA GLY B 178 4.96 -9.63 -10.50
C GLY B 178 6.10 -10.03 -11.42
N LEU B 179 7.28 -10.19 -10.85
CA LEU B 179 8.44 -10.65 -11.65
CA LEU B 179 8.42 -10.65 -11.67
C LEU B 179 8.31 -12.10 -12.08
N GLN B 180 7.86 -12.93 -11.14
CA GLN B 180 7.72 -14.36 -11.33
C GLN B 180 6.73 -14.60 -12.45
N LEU B 181 5.62 -13.87 -12.46
CA LEU B 181 4.54 -14.18 -13.43
C LEU B 181 4.57 -13.26 -14.66
N GLY B 182 5.35 -12.18 -14.62
CA GLY B 182 5.51 -11.28 -15.77
C GLY B 182 4.45 -10.16 -15.90
N ALA B 183 4.01 -9.60 -14.78
CA ALA B 183 2.97 -8.58 -14.74
C ALA B 183 3.55 -7.21 -15.13
N ARG B 184 3.09 -6.61 -16.23
CA ARG B 184 3.54 -5.25 -16.66
C ARG B 184 2.46 -4.15 -16.67
N ALA B 185 1.28 -4.44 -16.14
CA ALA B 185 0.21 -3.44 -16.05
C ALA B 185 0.11 -2.87 -14.65
N GLY B 186 1.14 -3.06 -13.82
CA GLY B 186 1.13 -2.48 -12.48
C GLY B 186 1.26 -3.56 -11.42
N VAL B 187 2.06 -3.25 -10.40
CA VAL B 187 2.20 -4.09 -9.22
C VAL B 187 2.00 -3.19 -8.00
N MET B 188 0.95 -3.50 -7.24
CA MET B 188 0.50 -2.65 -6.18
CA MET B 188 0.47 -2.64 -6.18
C MET B 188 0.43 -3.39 -4.84
N THR B 189 0.72 -2.66 -3.78
CA THR B 189 0.68 -3.20 -2.43
C THR B 189 -0.10 -2.19 -1.57
N PRO B 190 -1.41 -2.42 -1.44
CA PRO B 190 -2.09 -1.55 -0.48
C PRO B 190 -1.88 -2.07 0.95
N VAL B 191 -1.65 -1.18 1.91
CA VAL B 191 -1.42 -1.64 3.26
C VAL B 191 -2.51 -1.01 4.10
N SER B 192 -3.34 -1.85 4.71
CA SER B 192 -4.37 -1.33 5.63
C SER B 192 -4.54 -2.32 6.79
N ALA B 193 -3.39 -2.75 7.33
CA ALA B 193 -3.39 -3.73 8.43
C ALA B 193 -4.33 -4.90 8.14
N GLN B 194 -5.30 -5.16 9.02
CA GLN B 194 -6.17 -6.36 8.90
C GLN B 194 -7.13 -6.36 7.71
N SER B 195 -7.25 -5.25 7.00
CA SER B 195 -8.06 -5.30 5.77
C SER B 195 -7.26 -5.40 4.48
N SER B 196 -5.92 -5.44 4.57
CA SER B 196 -5.11 -5.33 3.36
C SER B 196 -5.48 -6.34 2.28
N GLY B 197 -5.78 -7.57 2.73
CA GLY B 197 -5.93 -8.70 1.79
C GLY B 197 -7.15 -8.51 0.91
N SER B 198 -8.21 -7.99 1.52
CA SER B 198 -9.42 -7.62 0.76
CA SER B 198 -9.38 -7.66 0.70
C SER B 198 -9.25 -6.31 -0.02
N GLU B 199 -8.53 -5.36 0.59
CA GLU B 199 -8.28 -4.13 -0.12
C GLU B 199 -7.53 -4.36 -1.43
N ALA B 200 -6.61 -5.33 -1.43
CA ALA B 200 -5.86 -5.67 -2.64
C ALA B 200 -6.79 -6.15 -3.74
N ILE B 201 -7.75 -6.99 -3.39
CA ILE B 201 -8.71 -7.47 -4.39
C ILE B 201 -9.65 -6.33 -4.86
N ALA B 202 -10.06 -5.44 -3.95
CA ALA B 202 -10.76 -4.22 -4.34
C ALA B 202 -10.00 -3.39 -5.40
N HIS B 203 -8.72 -3.12 -5.17
CA HIS B 203 -7.97 -2.30 -6.10
C HIS B 203 -7.69 -3.06 -7.42
N ALA B 204 -7.62 -4.39 -7.37
CA ALA B 204 -7.44 -5.14 -8.61
C ALA B 204 -8.71 -5.04 -9.45
N TRP B 205 -9.87 -5.12 -8.81
CA TRP B 205 -11.16 -4.96 -9.51
C TRP B 205 -11.24 -3.55 -10.09
N ARG B 206 -10.84 -2.55 -9.31
CA ARG B 206 -10.86 -1.19 -9.84
C ARG B 206 -9.96 -1.07 -11.09
N GLN B 207 -8.77 -1.66 -11.02
CA GLN B 207 -7.82 -1.55 -12.09
CA GLN B 207 -7.85 -1.50 -12.11
C GLN B 207 -8.38 -2.17 -13.38
N ILE B 208 -9.16 -3.23 -13.23
CA ILE B 208 -9.70 -3.85 -14.45
C ILE B 208 -10.86 -3.02 -14.97
N VAL B 209 -11.76 -2.60 -14.08
CA VAL B 209 -12.93 -1.85 -14.55
C VAL B 209 -12.57 -0.47 -15.12
N MET B 210 -11.45 0.13 -14.70
CA MET B 210 -11.02 1.41 -15.25
CA MET B 210 -11.09 1.40 -15.30
C MET B 210 -10.24 1.20 -16.54
N GLY B 211 -10.01 -0.06 -16.92
CA GLY B 211 -9.35 -0.33 -18.19
C GLY B 211 -7.83 -0.37 -18.13
N ASP B 212 -7.26 -0.37 -16.93
CA ASP B 212 -5.79 -0.53 -16.84
C ASP B 212 -5.22 -1.97 -16.98
N ALA B 213 -6.07 -2.98 -16.90
CA ALA B 213 -5.65 -4.38 -16.97
C ALA B 213 -6.85 -5.23 -17.29
N ASP B 214 -6.60 -6.39 -17.90
CA ASP B 214 -7.66 -7.35 -18.17
C ASP B 214 -7.60 -8.56 -17.27
N VAL B 215 -6.49 -8.73 -16.55
CA VAL B 215 -6.30 -9.89 -15.72
C VAL B 215 -5.39 -9.48 -14.58
N ALA B 216 -5.68 -10.00 -13.38
CA ALA B 216 -4.90 -9.63 -12.22
C ALA B 216 -4.80 -10.76 -11.22
N VAL B 217 -3.64 -10.84 -10.59
CA VAL B 217 -3.42 -11.72 -9.47
C VAL B 217 -3.53 -10.86 -8.25
N CYS B 218 -4.36 -11.25 -7.30
CA CYS B 218 -4.55 -10.41 -6.12
C CYS B 218 -4.77 -11.18 -4.83
N GLY B 219 -4.48 -10.55 -3.70
CA GLY B 219 -4.78 -11.23 -2.44
C GLY B 219 -3.81 -10.70 -1.40
N GLY B 220 -3.38 -11.57 -0.49
CA GLY B 220 -2.59 -11.16 0.71
C GLY B 220 -1.66 -12.23 1.20
N VAL B 221 -0.52 -11.82 1.77
CA VAL B 221 0.40 -12.70 2.44
C VAL B 221 0.71 -12.14 3.80
N GLU B 222 1.19 -12.98 4.72
CA GLU B 222 1.48 -12.50 6.06
C GLU B 222 2.53 -13.38 6.69
N GLY B 223 3.26 -12.84 7.66
CA GLY B 223 4.24 -13.63 8.37
C GLY B 223 3.62 -14.69 9.28
N PRO B 224 4.50 -15.48 9.94
CA PRO B 224 4.09 -16.55 10.84
C PRO B 224 3.93 -16.02 12.24
N ILE B 225 3.32 -16.85 13.06
CA ILE B 225 3.24 -16.61 14.50
C ILE B 225 4.65 -16.68 15.07
N GLU B 226 5.08 -15.58 15.70
CA GLU B 226 6.38 -15.60 16.36
C GLU B 226 6.30 -14.87 17.69
N ALA B 227 7.41 -14.87 18.42
CA ALA B 227 7.37 -14.37 19.79
C ALA B 227 7.02 -12.88 19.84
N LEU B 228 7.73 -12.06 19.06
CA LEU B 228 7.54 -10.60 19.15
C LEU B 228 6.16 -10.17 18.63
N PRO B 229 5.74 -10.68 17.47
CA PRO B 229 4.32 -10.51 17.11
C PRO B 229 3.30 -10.83 18.20
N ILE B 230 3.47 -11.95 18.90
CA ILE B 230 2.54 -12.27 19.98
C ILE B 230 2.65 -11.26 21.11
N ALA B 231 3.88 -10.87 21.48
CA ALA B 231 4.00 -9.93 22.58
C ALA B 231 3.31 -8.59 22.26
N ALA B 232 3.64 -8.02 21.11
CA ALA B 232 3.11 -6.72 20.75
C ALA B 232 1.57 -6.75 20.66
N PHE B 233 1.01 -7.76 19.99
CA PHE B 233 -0.43 -7.80 19.91
C PHE B 233 -1.05 -8.07 21.27
N SER B 234 -0.50 -9.03 22.01
CA SER B 234 -1.10 -9.39 23.29
CA SER B 234 -1.08 -9.40 23.30
C SER B 234 -1.09 -8.23 24.29
N MET B 235 -0.10 -7.35 24.18
CA MET B 235 -0.03 -6.18 25.06
C MET B 235 -1.18 -5.17 24.82
N MET B 236 -1.87 -5.28 23.68
CA MET B 236 -3.12 -4.54 23.44
C MET B 236 -4.35 -5.10 24.18
N ARG B 237 -4.22 -6.29 24.77
CA ARG B 237 -5.24 -6.84 25.68
CA ARG B 237 -5.21 -6.91 25.67
C ARG B 237 -6.49 -7.36 24.95
N ALA B 238 -6.39 -7.66 23.67
CA ALA B 238 -7.57 -8.08 22.91
C ALA B 238 -7.53 -9.53 22.42
N MET B 239 -6.44 -10.24 22.72
CA MET B 239 -6.36 -11.63 22.31
C MET B 239 -7.02 -12.57 23.32
N SER B 240 -7.55 -13.68 22.81
CA SER B 240 -7.99 -14.78 23.70
C SER B 240 -6.84 -15.42 24.45
N THR B 241 -7.02 -15.78 25.72
CA THR B 241 -6.02 -16.56 26.42
C THR B 241 -6.62 -17.88 26.93
N ARG B 242 -7.61 -18.39 26.20
CA ARG B 242 -8.25 -19.64 26.58
C ARG B 242 -7.31 -20.79 26.23
N ASN B 243 -6.16 -20.81 26.88
CA ASN B 243 -5.06 -21.71 26.52
C ASN B 243 -5.31 -23.20 26.74
N ASP B 244 -6.22 -23.53 27.66
CA ASP B 244 -6.52 -24.92 27.95
CA ASP B 244 -6.65 -24.88 28.02
C ASP B 244 -7.46 -25.56 26.92
N GLU B 245 -8.13 -24.76 26.10
CA GLU B 245 -9.02 -25.31 25.07
C GLU B 245 -8.86 -24.56 23.75
N PRO B 246 -7.76 -24.82 23.01
CA PRO B 246 -7.42 -24.02 21.84
C PRO B 246 -8.51 -24.01 20.76
N GLU B 247 -9.16 -25.14 20.47
CA GLU B 247 -10.11 -25.15 19.36
CA GLU B 247 -10.22 -25.30 19.46
C GLU B 247 -11.37 -24.38 19.78
N ARG B 248 -11.56 -24.16 21.07
CA ARG B 248 -12.76 -23.47 21.57
C ARG B 248 -12.53 -21.97 21.81
N ALA B 249 -11.31 -21.49 21.60
CA ALA B 249 -10.94 -20.10 21.98
C ALA B 249 -11.55 -18.98 21.12
N SER B 250 -11.52 -19.18 19.80
CA SER B 250 -12.03 -18.19 18.85
C SER B 250 -13.55 -18.30 18.67
N ARG B 251 -14.30 -17.33 19.21
CA ARG B 251 -15.77 -17.45 19.24
C ARG B 251 -16.47 -16.20 18.71
N PRO B 252 -16.27 -15.87 17.43
CA PRO B 252 -16.91 -14.70 16.82
C PRO B 252 -18.44 -14.72 16.99
N PHE B 253 -18.96 -13.60 17.49
CA PHE B 253 -20.40 -13.37 17.73
C PHE B 253 -20.99 -14.15 18.92
N ASP B 254 -20.21 -15.00 19.58
CA ASP B 254 -20.71 -15.78 20.73
C ASP B 254 -20.74 -14.88 21.95
N LYS B 255 -21.72 -15.08 22.84
CA LYS B 255 -21.83 -14.23 24.02
C LYS B 255 -20.60 -14.30 24.90
N ASP B 256 -19.91 -15.43 24.87
CA ASP B 256 -18.76 -15.65 25.75
C ASP B 256 -17.42 -15.41 25.05
N ARG B 257 -17.42 -14.77 23.89
CA ARG B 257 -16.13 -14.48 23.23
C ARG B 257 -15.17 -13.69 24.11
N ASP B 258 -13.87 -13.89 23.91
CA ASP B 258 -12.87 -13.25 24.77
C ASP B 258 -11.65 -12.81 23.96
N GLY B 259 -11.85 -12.54 22.67
CA GLY B 259 -10.79 -11.98 21.85
C GLY B 259 -10.39 -12.87 20.69
N PHE B 260 -9.42 -12.40 19.92
CA PHE B 260 -9.06 -13.08 18.69
C PHE B 260 -7.88 -14.03 18.86
N VAL B 261 -7.69 -14.92 17.87
CA VAL B 261 -6.65 -15.93 17.93
C VAL B 261 -5.87 -15.84 16.62
N PHE B 262 -4.53 -15.93 16.65
CA PHE B 262 -3.76 -15.93 15.40
C PHE B 262 -3.94 -17.25 14.68
N GLY B 263 -4.09 -17.22 13.36
CA GLY B 263 -4.00 -18.42 12.54
C GLY B 263 -3.36 -18.00 11.21
N GLU B 264 -2.27 -18.66 10.84
CA GLU B 264 -1.46 -18.26 9.68
C GLU B 264 -2.22 -18.57 8.39
N ALA B 265 -1.99 -17.74 7.36
CA ALA B 265 -2.50 -18.00 6.04
C ALA B 265 -1.81 -17.10 5.02
N GLY B 266 -1.99 -17.45 3.74
CA GLY B 266 -1.76 -16.50 2.66
C GLY B 266 -2.75 -16.99 1.61
N ALA B 267 -3.25 -16.09 0.77
CA ALA B 267 -4.20 -16.49 -0.29
C ALA B 267 -4.13 -15.58 -1.49
N LEU B 268 -4.29 -16.15 -2.69
CA LEU B 268 -4.32 -15.34 -3.90
C LEU B 268 -5.48 -15.84 -4.77
N MET B 269 -6.02 -14.94 -5.57
CA MET B 269 -6.97 -15.35 -6.59
C MET B 269 -6.58 -14.69 -7.90
N LEU B 270 -7.08 -15.30 -8.98
CA LEU B 270 -6.92 -14.77 -10.32
C LEU B 270 -8.29 -14.25 -10.80
N ILE B 271 -8.33 -12.95 -11.11
CA ILE B 271 -9.55 -12.31 -11.64
C ILE B 271 -9.25 -11.80 -13.05
N GLU B 272 -10.27 -11.77 -13.90
CA GLU B 272 -10.08 -11.30 -15.23
C GLU B 272 -11.44 -10.90 -15.81
N THR B 273 -11.45 -10.22 -16.94
CA THR B 273 -12.75 -9.86 -17.50
C THR B 273 -13.41 -11.16 -17.97
N GLU B 274 -14.74 -11.20 -17.95
CA GLU B 274 -15.43 -12.41 -18.42
C GLU B 274 -15.07 -12.66 -19.87
N GLU B 275 -14.88 -11.62 -20.67
CA GLU B 275 -14.44 -11.85 -22.04
C GLU B 275 -13.10 -12.60 -22.14
N HIS B 276 -12.12 -12.18 -21.32
CA HIS B 276 -10.77 -12.73 -21.32
C HIS B 276 -10.80 -14.19 -20.92
N ALA B 277 -11.62 -14.47 -19.91
CA ALA B 277 -11.83 -15.82 -19.45
C ALA B 277 -12.40 -16.69 -20.56
N LYS B 278 -13.46 -16.21 -21.21
CA LYS B 278 -14.10 -17.00 -22.24
CA LYS B 278 -14.11 -17.00 -22.24
C LYS B 278 -13.14 -17.27 -23.40
N ALA B 279 -12.36 -16.26 -23.78
CA ALA B 279 -11.38 -16.37 -24.86
C ALA B 279 -10.42 -17.53 -24.60
N ARG B 280 -10.02 -17.73 -23.33
CA ARG B 280 -9.04 -18.79 -23.04
C ARG B 280 -9.68 -20.07 -22.52
N GLY B 281 -11.01 -20.10 -22.40
CA GLY B 281 -11.72 -21.30 -21.95
C GLY B 281 -11.63 -21.59 -20.46
N ALA B 282 -11.40 -20.58 -19.63
CA ALA B 282 -11.39 -20.76 -18.19
C ALA B 282 -12.80 -20.70 -17.59
N LYS B 283 -13.17 -21.70 -16.80
CA LYS B 283 -14.49 -21.68 -16.18
CA LYS B 283 -14.47 -21.74 -16.17
C LYS B 283 -14.46 -20.84 -14.92
N PRO B 284 -15.35 -19.84 -14.85
CA PRO B 284 -15.25 -19.03 -13.62
C PRO B 284 -15.73 -19.74 -12.36
N LEU B 285 -15.17 -19.33 -11.22
CA LEU B 285 -15.61 -19.82 -9.92
CA LEU B 285 -15.61 -19.82 -9.92
C LEU B 285 -16.72 -18.95 -9.34
N ALA B 286 -16.75 -17.68 -9.73
CA ALA B 286 -17.66 -16.68 -9.18
C ALA B 286 -17.46 -15.37 -9.96
N ARG B 287 -18.29 -14.36 -9.69
CA ARG B 287 -18.13 -13.00 -10.22
C ARG B 287 -17.71 -12.07 -9.11
N LEU B 288 -16.84 -11.12 -9.43
CA LEU B 288 -16.44 -10.10 -8.43
C LEU B 288 -17.13 -8.85 -8.96
N LEU B 289 -18.19 -8.45 -8.28
CA LEU B 289 -19.18 -7.51 -8.79
C LEU B 289 -18.90 -6.05 -8.41
N GLY B 290 -18.22 -5.83 -7.27
CA GLY B 290 -18.11 -4.47 -6.78
C GLY B 290 -17.36 -4.42 -5.47
N ALA B 291 -16.86 -3.24 -5.11
CA ALA B 291 -16.03 -3.09 -3.93
C ALA B 291 -16.26 -1.72 -3.30
N GLY B 292 -16.25 -1.62 -1.97
CA GLY B 292 -16.40 -0.32 -1.34
C GLY B 292 -15.32 -0.15 -0.30
N ILE B 293 -14.70 1.03 -0.25
CA ILE B 293 -13.70 1.28 0.78
C ILE B 293 -14.06 2.60 1.49
N THR B 294 -14.12 2.60 2.82
CA THR B 294 -14.34 3.82 3.57
C THR B 294 -13.41 3.80 4.77
N SER B 295 -13.56 4.82 5.61
CA SER B 295 -12.78 4.90 6.85
C SER B 295 -13.61 5.52 7.97
N ASP B 296 -13.24 5.22 9.21
CA ASP B 296 -14.08 5.56 10.37
C ASP B 296 -13.86 6.98 10.89
N ALA B 297 -12.60 7.40 10.81
CA ALA B 297 -12.13 8.54 11.60
C ALA B 297 -12.73 8.53 13.02
N PHE B 298 -12.47 7.43 13.72
CA PHE B 298 -12.93 7.24 15.10
C PHE B 298 -11.74 7.00 16.03
N HIS B 299 -11.08 5.85 15.91
CA HIS B 299 -9.99 5.48 16.80
C HIS B 299 -8.98 4.66 16.03
N MET B 300 -7.72 4.80 16.37
CA MET B 300 -6.68 4.00 15.69
C MET B 300 -6.90 2.48 15.86
N VAL B 301 -7.29 2.05 17.07
CA VAL B 301 -7.37 0.60 17.31
C VAL B 301 -8.69 0.11 17.88
N ALA B 302 -9.76 0.88 17.66
CA ALA B 302 -11.10 0.39 17.96
C ALA B 302 -12.00 0.78 16.81
N PRO B 303 -12.89 -0.12 16.38
CA PRO B 303 -13.83 0.27 15.33
C PRO B 303 -14.88 1.24 15.91
N ALA B 304 -15.44 2.08 15.07
CA ALA B 304 -16.59 2.92 15.46
C ALA B 304 -17.74 2.04 15.93
N ALA B 305 -18.31 2.33 17.10
CA ALA B 305 -19.40 1.52 17.63
C ALA B 305 -20.63 1.52 16.72
N ASP B 306 -20.86 2.62 16.00
CA ASP B 306 -22.17 2.73 15.33
C ASP B 306 -22.19 1.93 14.03
N GLY B 307 -21.02 1.50 13.58
CA GLY B 307 -20.96 0.69 12.36
C GLY B 307 -21.29 1.46 11.08
N VAL B 308 -21.36 2.79 11.14
CA VAL B 308 -21.97 3.55 10.03
C VAL B 308 -21.04 3.58 8.81
N ARG B 309 -19.79 4.01 9.00
CA ARG B 309 -18.84 4.01 7.87
C ARG B 309 -18.55 2.59 7.39
N ALA B 310 -18.47 1.60 8.29
CA ALA B 310 -18.32 0.22 7.85
C ALA B 310 -19.51 -0.26 7.01
N GLY B 311 -20.72 0.05 7.44
CA GLY B 311 -21.92 -0.27 6.61
C GLY B 311 -21.92 0.47 5.28
N ARG B 312 -21.38 1.69 5.25
CA ARG B 312 -21.29 2.42 3.99
C ARG B 312 -20.36 1.72 2.99
N ALA B 313 -19.24 1.17 3.44
CA ALA B 313 -18.39 0.33 2.57
C ALA B 313 -19.20 -0.82 1.95
N MET B 314 -20.00 -1.50 2.76
CA MET B 314 -20.89 -2.54 2.20
C MET B 314 -21.86 -1.98 1.18
N THR B 315 -22.52 -0.88 1.56
CA THR B 315 -23.45 -0.22 0.63
C THR B 315 -22.75 0.23 -0.66
N ARG B 316 -21.56 0.82 -0.55
CA ARG B 316 -20.85 1.20 -1.77
C ARG B 316 -20.63 -0.02 -2.69
N SER B 317 -20.26 -1.18 -2.13
CA SER B 317 -20.00 -2.38 -2.96
C SER B 317 -21.27 -2.79 -3.70
N LEU B 318 -22.40 -2.62 -3.03
CA LEU B 318 -23.70 -2.94 -3.69
C LEU B 318 -24.07 -1.94 -4.80
N GLU B 319 -23.85 -0.65 -4.55
CA GLU B 319 -24.09 0.39 -5.58
C GLU B 319 -23.28 0.06 -6.82
N LEU B 320 -22.00 -0.27 -6.62
CA LEU B 320 -21.12 -0.54 -7.78
C LEU B 320 -21.50 -1.86 -8.48
N ALA B 321 -21.93 -2.84 -7.70
CA ALA B 321 -22.47 -4.08 -8.25
C ALA B 321 -23.77 -3.92 -8.99
N GLY B 322 -24.59 -2.96 -8.58
CA GLY B 322 -25.98 -2.88 -9.09
C GLY B 322 -26.98 -3.74 -8.33
N LEU B 323 -26.70 -3.92 -7.04
CA LEU B 323 -27.48 -4.77 -6.16
C LEU B 323 -28.17 -3.90 -5.09
N SER B 324 -29.22 -4.45 -4.49
CA SER B 324 -29.78 -3.84 -3.30
C SER B 324 -29.57 -4.77 -2.10
N PRO B 325 -29.61 -4.20 -0.89
CA PRO B 325 -29.37 -5.03 0.30
C PRO B 325 -30.30 -6.26 0.28
N ALA B 326 -31.53 -6.11 -0.20
CA ALA B 326 -32.46 -7.23 -0.25
C ALA B 326 -31.97 -8.40 -1.11
N ASP B 327 -31.06 -8.14 -2.05
CA ASP B 327 -30.51 -9.24 -2.87
C ASP B 327 -29.52 -10.14 -2.12
N ILE B 328 -28.93 -9.63 -1.05
CA ILE B 328 -27.77 -10.30 -0.47
C ILE B 328 -28.19 -11.53 0.32
N ASP B 329 -27.57 -12.67 0.00
CA ASP B 329 -27.85 -13.95 0.64
C ASP B 329 -26.92 -14.31 1.76
N HIS B 330 -25.70 -13.75 1.73
CA HIS B 330 -24.65 -14.21 2.60
C HIS B 330 -23.67 -13.05 2.91
N VAL B 331 -23.27 -12.96 4.16
CA VAL B 331 -22.18 -12.10 4.57
C VAL B 331 -21.06 -12.91 5.22
N ASN B 332 -19.86 -12.80 4.68
CA ASN B 332 -18.70 -13.39 5.32
C ASN B 332 -18.11 -12.31 6.19
N ALA B 333 -18.33 -12.47 7.49
CA ALA B 333 -17.98 -11.45 8.47
C ALA B 333 -16.47 -11.40 8.78
N HIS B 334 -15.95 -10.21 9.00
CA HIS B 334 -14.60 -10.07 9.54
C HIS B 334 -14.50 -10.83 10.88
N GLY B 335 -15.54 -10.69 11.71
CA GLY B 335 -15.74 -11.56 12.86
C GLY B 335 -14.46 -11.96 13.62
N THR B 336 -13.83 -11.02 14.31
CA THR B 336 -12.56 -11.34 14.98
C THR B 336 -12.75 -12.05 16.33
N ALA B 337 -13.97 -12.01 16.86
CA ALA B 337 -14.28 -12.44 18.23
C ALA B 337 -13.86 -11.52 19.39
N THR B 338 -13.46 -10.27 19.12
CA THR B 338 -13.35 -9.30 20.22
C THR B 338 -14.76 -8.85 20.59
N PRO B 339 -15.00 -8.54 21.88
CA PRO B 339 -16.31 -8.00 22.25
C PRO B 339 -16.70 -6.73 21.45
N ILE B 340 -15.88 -5.68 21.43
CA ILE B 340 -16.28 -4.47 20.68
C ILE B 340 -16.30 -4.63 19.13
N GLY B 341 -15.44 -5.48 18.60
CA GLY B 341 -15.30 -5.59 17.14
C GLY B 341 -16.55 -6.29 16.57
N ASP B 342 -17.04 -7.33 17.24
CA ASP B 342 -18.17 -8.06 16.61
C ASP B 342 -19.43 -7.23 16.79
N ALA B 343 -19.53 -6.52 17.91
CA ALA B 343 -20.71 -5.67 18.12
C ALA B 343 -20.80 -4.56 17.07
N ALA B 344 -19.65 -3.97 16.74
CA ALA B 344 -19.60 -2.89 15.74
C ALA B 344 -19.96 -3.44 14.37
N GLU B 345 -19.45 -4.62 14.05
CA GLU B 345 -19.71 -5.19 12.73
C GLU B 345 -21.20 -5.53 12.64
N ALA B 346 -21.82 -6.02 13.71
CA ALA B 346 -23.26 -6.32 13.60
C ALA B 346 -24.05 -5.05 13.36
N ASN B 347 -23.65 -3.96 14.00
CA ASN B 347 -24.29 -2.66 13.68
C ASN B 347 -24.07 -2.27 12.21
N ALA B 348 -22.88 -2.51 11.69
CA ALA B 348 -22.58 -2.13 10.28
C ALA B 348 -23.40 -2.95 9.31
N ILE B 349 -23.57 -4.22 9.62
CA ILE B 349 -24.41 -5.08 8.78
C ILE B 349 -25.86 -4.63 8.78
N ARG B 350 -26.37 -4.18 9.93
CA ARG B 350 -27.70 -3.53 9.99
C ARG B 350 -27.75 -2.22 9.20
N VAL B 351 -26.75 -1.36 9.40
CA VAL B 351 -26.70 -0.09 8.66
C VAL B 351 -26.88 -0.36 7.16
N ALA B 352 -26.17 -1.39 6.68
CA ALA B 352 -26.16 -1.75 5.27
C ALA B 352 -27.42 -2.46 4.82
N GLY B 353 -28.27 -2.81 5.79
CA GLY B 353 -29.51 -3.50 5.46
C GLY B 353 -29.31 -4.97 5.10
N CYS B 354 -28.17 -5.51 5.53
CA CYS B 354 -27.74 -6.88 5.22
C CYS B 354 -27.97 -7.87 6.35
N ASP B 355 -28.78 -7.49 7.33
CA ASP B 355 -28.85 -8.30 8.53
C ASP B 355 -29.90 -9.40 8.47
N GLN B 356 -30.49 -9.60 7.29
CA GLN B 356 -31.28 -10.81 7.10
C GLN B 356 -30.43 -11.93 6.45
N ALA B 357 -29.22 -11.61 6.02
CA ALA B 357 -28.37 -12.59 5.33
C ALA B 357 -27.81 -13.64 6.29
N ALA B 358 -27.40 -14.78 5.74
CA ALA B 358 -26.72 -15.81 6.54
C ALA B 358 -25.25 -15.43 6.76
N VAL B 359 -24.80 -15.43 8.01
CA VAL B 359 -23.47 -14.92 8.33
C VAL B 359 -22.51 -16.06 8.68
N TYR B 360 -21.30 -16.00 8.12
CA TYR B 360 -20.25 -16.93 8.53
C TYR B 360 -19.07 -16.15 9.07
N ALA B 361 -18.41 -16.68 10.10
CA ALA B 361 -17.22 -16.02 10.66
C ALA B 361 -16.06 -17.01 10.67
N PRO B 362 -15.28 -17.08 9.58
CA PRO B 362 -14.26 -18.12 9.43
C PRO B 362 -13.13 -18.05 10.43
N LYS B 363 -12.87 -16.90 11.05
CA LYS B 363 -11.82 -16.87 12.08
C LYS B 363 -12.14 -17.82 13.25
N SER B 364 -13.39 -18.30 13.34
CA SER B 364 -13.78 -19.30 14.33
C SER B 364 -12.97 -20.59 14.14
N ALA B 365 -12.64 -20.92 12.90
CA ALA B 365 -11.94 -22.14 12.51
C ALA B 365 -10.48 -21.89 12.11
N LEU B 366 -10.18 -20.76 11.46
CA LEU B 366 -8.87 -20.53 10.82
C LEU B 366 -8.06 -19.48 11.56
N GLY B 367 -8.69 -18.82 12.51
CA GLY B 367 -8.01 -17.75 13.24
C GLY B 367 -7.73 -16.54 12.35
N HIS B 368 -6.87 -15.66 12.81
CA HIS B 368 -6.71 -14.36 12.17
C HIS B 368 -5.34 -14.27 11.53
N SER B 369 -5.30 -14.05 10.21
CA SER B 369 -4.03 -13.91 9.50
C SER B 369 -3.64 -12.48 9.10
N ILE B 370 -4.16 -11.49 9.83
CA ILE B 370 -3.76 -10.10 9.74
C ILE B 370 -3.78 -9.65 8.26
N GLY B 371 -2.66 -9.26 7.66
CA GLY B 371 -2.73 -8.81 6.28
C GLY B 371 -3.22 -9.79 5.23
N ALA B 372 -3.18 -11.11 5.51
CA ALA B 372 -3.67 -12.08 4.50
C ALA B 372 -5.14 -12.37 4.66
N VAL B 373 -5.72 -12.01 5.80
CA VAL B 373 -7.00 -12.62 6.14
C VAL B 373 -8.16 -12.23 5.23
N GLY B 374 -8.19 -10.99 4.75
CA GLY B 374 -9.33 -10.60 3.93
C GLY B 374 -9.24 -11.30 2.58
N ALA B 375 -8.04 -11.66 2.15
CA ALA B 375 -7.93 -12.38 0.87
C ALA B 375 -8.38 -13.85 1.07
N LEU B 376 -7.95 -14.43 2.17
CA LEU B 376 -8.40 -15.79 2.48
C LEU B 376 -9.94 -15.83 2.54
N GLU B 377 -10.53 -14.92 3.33
CA GLU B 377 -11.98 -14.89 3.44
C GLU B 377 -12.74 -14.55 2.15
N SER B 378 -12.14 -13.75 1.26
CA SER B 378 -12.64 -13.64 -0.11
C SER B 378 -12.64 -14.94 -0.86
N VAL B 379 -11.53 -15.69 -0.79
CA VAL B 379 -11.55 -17.02 -1.42
C VAL B 379 -12.68 -17.91 -0.85
N LEU B 380 -12.84 -17.92 0.47
CA LEU B 380 -13.94 -18.70 1.08
C LEU B 380 -15.31 -18.25 0.59
N THR B 381 -15.49 -16.93 0.45
CA THR B 381 -16.74 -16.38 -0.04
C THR B 381 -16.99 -16.96 -1.43
N VAL B 382 -15.97 -16.99 -2.27
CA VAL B 382 -16.09 -17.50 -3.62
C VAL B 382 -16.53 -18.98 -3.65
N LEU B 383 -15.93 -19.80 -2.77
CA LEU B 383 -16.29 -21.23 -2.68
C LEU B 383 -17.70 -21.43 -2.17
N THR B 384 -18.13 -20.60 -1.24
CA THR B 384 -19.54 -20.58 -0.79
C THR B 384 -20.49 -20.41 -1.98
N LEU B 385 -20.17 -19.46 -2.84
CA LEU B 385 -21.03 -19.24 -4.02
C LEU B 385 -20.88 -20.36 -5.05
N ARG B 386 -19.65 -20.82 -5.27
CA ARG B 386 -19.44 -21.94 -6.19
C ARG B 386 -20.19 -23.22 -5.79
N ASP B 387 -20.15 -23.53 -4.49
CA ASP B 387 -20.67 -24.83 -4.02
C ASP B 387 -22.06 -24.78 -3.33
N GLY B 388 -22.60 -23.58 -3.16
CA GLY B 388 -23.89 -23.43 -2.50
C GLY B 388 -23.87 -23.95 -1.06
N VAL B 389 -22.84 -23.59 -0.30
CA VAL B 389 -22.80 -24.06 1.09
C VAL B 389 -21.95 -23.11 1.93
N ILE B 390 -22.43 -22.85 3.14
CA ILE B 390 -21.67 -22.08 4.14
C ILE B 390 -21.23 -23.03 5.25
N PRO B 391 -19.94 -23.01 5.60
CA PRO B 391 -19.55 -23.80 6.75
C PRO B 391 -20.10 -23.29 8.09
N PRO B 392 -20.15 -24.15 9.12
CA PRO B 392 -20.58 -23.71 10.44
C PRO B 392 -19.56 -22.76 11.07
N THR B 393 -20.07 -21.73 11.75
CA THR B 393 -19.21 -20.88 12.57
C THR B 393 -18.90 -21.67 13.84
N LEU B 394 -17.63 -22.00 14.08
CA LEU B 394 -17.30 -22.82 15.25
C LEU B 394 -17.50 -22.05 16.56
N ASN B 395 -17.81 -22.79 17.61
CA ASN B 395 -17.86 -22.24 18.97
C ASN B 395 -19.03 -21.27 19.23
N TYR B 396 -19.97 -21.22 18.29
CA TYR B 396 -21.13 -20.36 18.43
C TYR B 396 -22.20 -21.12 19.22
N GLU B 397 -22.30 -20.81 20.51
CA GLU B 397 -23.03 -21.63 21.48
C GLU B 397 -24.10 -20.85 22.24
N THR B 398 -23.85 -19.55 22.42
CA THR B 398 -24.76 -18.67 23.14
C THR B 398 -24.96 -17.40 22.34
N PRO B 399 -26.15 -17.22 21.74
CA PRO B 399 -26.37 -15.99 20.99
C PRO B 399 -26.28 -14.77 21.89
N ASP B 400 -25.73 -13.68 21.33
CA ASP B 400 -25.57 -12.40 22.01
C ASP B 400 -26.69 -11.47 21.56
N PRO B 401 -27.53 -10.96 22.48
CA PRO B 401 -28.69 -10.18 22.00
C PRO B 401 -28.33 -8.88 21.25
N GLU B 402 -27.12 -8.34 21.48
CA GLU B 402 -26.58 -7.19 20.77
CA GLU B 402 -26.71 -7.17 20.72
C GLU B 402 -26.22 -7.53 19.31
N ILE B 403 -26.16 -8.80 18.98
CA ILE B 403 -25.65 -9.15 17.66
C ILE B 403 -26.88 -9.31 16.76
N ASP B 404 -27.77 -10.20 17.16
CA ASP B 404 -29.02 -10.45 16.43
C ASP B 404 -28.78 -10.67 14.93
N LEU B 405 -27.88 -11.61 14.65
CA LEU B 405 -27.54 -12.02 13.29
C LEU B 405 -27.86 -13.50 13.09
N ASP B 406 -28.23 -13.85 11.85
CA ASP B 406 -28.35 -15.26 11.48
C ASP B 406 -26.96 -15.85 11.28
N VAL B 407 -26.31 -16.27 12.37
CA VAL B 407 -24.99 -16.93 12.34
C VAL B 407 -25.15 -18.42 12.01
N VAL B 408 -24.56 -18.85 10.89
CA VAL B 408 -24.51 -20.25 10.50
C VAL B 408 -23.62 -21.01 11.50
N ALA B 409 -24.14 -22.10 12.07
CA ALA B 409 -23.44 -22.82 13.13
C ALA B 409 -23.98 -24.24 13.21
N GLY B 410 -23.17 -25.09 13.82
CA GLY B 410 -23.59 -26.46 14.10
C GLY B 410 -23.31 -27.39 12.94
N GLU B 411 -23.90 -27.11 11.78
CA GLU B 411 -23.59 -27.89 10.59
CA GLU B 411 -23.64 -27.90 10.59
C GLU B 411 -23.47 -26.94 9.41
N PRO B 412 -22.85 -27.39 8.31
CA PRO B 412 -22.92 -26.54 7.10
C PRO B 412 -24.35 -26.27 6.65
N ARG B 413 -24.58 -25.10 6.06
CA ARG B 413 -25.89 -24.79 5.52
C ARG B 413 -25.83 -24.72 4.01
N TYR B 414 -26.62 -25.58 3.38
CA TYR B 414 -26.72 -25.59 1.93
C TYR B 414 -27.81 -24.67 1.43
N GLY B 415 -27.55 -23.95 0.35
CA GLY B 415 -28.61 -23.18 -0.25
C GLY B 415 -28.18 -22.65 -1.59
N ASP B 416 -29.13 -22.04 -2.28
CA ASP B 416 -28.84 -21.48 -3.60
C ASP B 416 -28.33 -20.05 -3.50
N TYR B 417 -27.15 -19.85 -2.89
CA TYR B 417 -26.64 -18.50 -2.68
C TYR B 417 -26.25 -17.86 -4.00
N ARG B 418 -26.74 -16.64 -4.21
CA ARG B 418 -26.42 -15.94 -5.45
C ARG B 418 -25.47 -14.79 -5.21
N TYR B 419 -25.64 -14.08 -4.11
CA TYR B 419 -24.88 -12.87 -3.83
C TYR B 419 -24.36 -12.83 -2.39
N ALA B 420 -23.12 -12.38 -2.23
CA ALA B 420 -22.50 -12.39 -0.91
C ALA B 420 -21.63 -11.14 -0.78
N VAL B 421 -21.45 -10.65 0.44
CA VAL B 421 -20.50 -9.59 0.75
C VAL B 421 -19.48 -10.15 1.73
N ASN B 422 -18.21 -9.95 1.39
CA ASN B 422 -17.09 -10.19 2.29
C ASN B 422 -16.63 -8.90 2.95
N ASN B 423 -16.64 -8.88 4.29
CA ASN B 423 -16.16 -7.73 5.10
C ASN B 423 -14.74 -7.92 5.59
N SER B 424 -13.98 -6.82 5.67
CA SER B 424 -12.68 -6.79 6.35
CA SER B 424 -12.69 -6.80 6.35
C SER B 424 -12.45 -5.41 6.93
N PHE B 425 -11.88 -5.30 8.15
CA PHE B 425 -11.61 -4.01 8.74
C PHE B 425 -10.20 -4.03 9.30
N GLY B 426 -9.62 -2.86 9.50
CA GLY B 426 -8.24 -2.85 9.91
C GLY B 426 -7.95 -1.67 10.82
N PHE B 427 -6.96 -1.85 11.67
CA PHE B 427 -6.42 -0.76 12.49
C PHE B 427 -6.14 0.46 11.64
N GLY B 428 -6.41 1.65 12.19
CA GLY B 428 -6.49 2.87 11.36
C GLY B 428 -7.95 3.24 11.06
N GLY B 429 -8.86 2.29 11.19
CA GLY B 429 -10.27 2.50 10.86
C GLY B 429 -10.65 2.18 9.40
N HIS B 430 -9.90 1.28 8.76
CA HIS B 430 -10.17 0.98 7.34
C HIS B 430 -11.34 0.01 7.23
N ASN B 431 -12.27 0.26 6.30
CA ASN B 431 -13.39 -0.65 6.04
C ASN B 431 -13.37 -1.02 4.56
N VAL B 432 -13.40 -2.31 4.29
CA VAL B 432 -13.39 -2.80 2.90
C VAL B 432 -14.53 -3.83 2.78
N ALA B 433 -15.39 -3.71 1.77
CA ALA B 433 -16.39 -4.73 1.51
C ALA B 433 -16.26 -5.14 0.05
N LEU B 434 -16.39 -6.44 -0.21
CA LEU B 434 -16.42 -6.95 -1.60
C LEU B 434 -17.71 -7.69 -1.89
N ALA B 435 -18.35 -7.34 -3.00
CA ALA B 435 -19.59 -7.99 -3.42
C ALA B 435 -19.27 -9.04 -4.47
N PHE B 436 -19.62 -10.29 -4.17
CA PHE B 436 -19.38 -11.41 -5.08
C PHE B 436 -20.70 -12.03 -5.52
N GLY B 437 -20.69 -12.66 -6.70
CA GLY B 437 -21.88 -13.35 -7.15
C GLY B 437 -21.60 -14.70 -7.73
N ARG B 438 -22.56 -15.62 -7.56
CA ARG B 438 -22.53 -16.90 -8.24
CA ARG B 438 -22.45 -16.89 -8.23
C ARG B 438 -22.31 -16.71 -9.74
N TYR B 439 -21.48 -17.53 -10.37
CA TYR B 439 -21.35 -17.43 -11.82
C TYR B 439 -22.52 -18.16 -12.48
#